data_8S0J
#
_entry.id   8S0J
#
_cell.length_a   45.920
_cell.length_b   213.932
_cell.length_c   55.997
_cell.angle_alpha   90.00
_cell.angle_beta   97.02
_cell.angle_gamma   90.00
#
_symmetry.space_group_name_H-M   'P 1 21 1'
#
loop_
_entity.id
_entity.type
_entity.pdbx_description
1 polymer 'Tyrosine-protein phosphatase non-receptor type 11'
2 non-polymer 3-[3-[2,3-bis(chloranyl)phenyl]-1H-pyrrolo[3,2-b]pyridin-6-yl]propan-1-amine
3 water water
#
_entity_poly.entity_id   1
_entity_poly.type   'polypeptide(L)'
_entity_poly.pdbx_seq_one_letter_code
;HMTSRRWFHPNITGVEAENLLLTRGVDGSFLARPSKSNPGDFTLSVRRNGAVTHIKIQNTGDYYDLYGGEKFATLAELVQ
YYMEHHGQLKEKNGDVIELKYPLNCADPTSERWFHGHLSGKEAEKLLTEKGKHGSFLVRESQSHPGDFVLSVRTGDDKGE
SNDGKSKVTHVMIRCQELKYDVGGGERFDSLTDLVEHYKKNPMVETLGTVLQLKQPLNTTRINAAEIESRVRELSKLAET
TDKVKQGFWEEFETLQQQECKLLYSRKEGQRQENKNKNRYKNILPFDHTRVVLHDGDPNEPVSDYINANIIMPEFETKCN
NSKPKKSYIATQGCLQNTVNDFWRMVFQENSRVIVMTTKEVERGKSKCVKYWPDEYALKEYGVMRVRNVKESAAHDYTLR
ELKLSKVGQGNTERTVWQYHFRTWPDHGVPSDPGGVLDFLEEVHHKQESIMDAGPVVVHCSAGIGRTGTFIVIDILIDII
REKGVDCDIDVPKTIQMVRSQRSGMVQTEAQYRFIYMAVQHYIETLQRRLEHHHHHH
;
_entity_poly.pdbx_strand_id   A,B
#
loop_
_chem_comp.id
_chem_comp.type
_chem_comp.name
_chem_comp.formula
A1H4R non-polymer 3-[3-[2,3-bis(chloranyl)phenyl]-1H-pyrrolo[3,2-b]pyridin-6-yl]propan-1-amine 'C16 H15 Cl2 N3'
#
# COMPACT_ATOMS: atom_id res chain seq x y z
N SER A 4 4.40 -4.59 12.12
CA SER A 4 3.50 -5.71 11.70
C SER A 4 3.76 -6.98 12.55
N ARG A 5 5.02 -7.21 12.93
CA ARG A 5 5.42 -8.30 13.84
C ARG A 5 5.17 -9.69 13.23
N ARG A 6 5.34 -9.82 11.92
CA ARG A 6 5.07 -11.09 11.23
C ARG A 6 6.16 -12.13 11.52
N TRP A 7 7.29 -11.70 12.08
CA TRP A 7 8.46 -12.57 12.29
C TRP A 7 8.24 -13.46 13.51
N PHE A 8 7.15 -13.23 14.25
CA PHE A 8 6.83 -14.05 15.38
C PHE A 8 5.91 -15.20 14.95
N HIS A 9 6.35 -16.44 15.23
CA HIS A 9 5.60 -17.65 14.84
C HIS A 9 5.06 -18.36 16.09
N PRO A 10 3.78 -18.18 16.41
CA PRO A 10 3.28 -18.65 17.70
C PRO A 10 3.14 -20.17 17.88
N ASN A 11 3.19 -20.96 16.81
CA ASN A 11 2.85 -22.38 16.92
C ASN A 11 3.75 -23.20 15.99
N ILE A 12 5.05 -22.90 16.02
CA ILE A 12 6.04 -23.60 15.21
C ILE A 12 6.99 -24.35 16.16
N THR A 13 7.47 -25.50 15.72
CA THR A 13 8.45 -26.25 16.48
C THR A 13 9.87 -25.84 16.05
N GLY A 14 10.82 -26.23 16.91
CA GLY A 14 12.22 -25.92 16.70
C GLY A 14 12.72 -26.47 15.38
N VAL A 15 12.21 -27.65 15.00
CA VAL A 15 12.56 -28.32 13.76
C VAL A 15 11.88 -27.60 12.59
N GLU A 16 10.60 -27.28 12.76
CA GLU A 16 9.87 -26.56 11.73
C GLU A 16 10.57 -25.21 11.45
N ALA A 17 11.13 -24.59 12.48
CA ALA A 17 11.76 -23.28 12.38
C ALA A 17 13.06 -23.36 11.56
N GLU A 18 13.87 -24.40 11.83
CA GLU A 18 15.09 -24.62 11.05
C GLU A 18 14.75 -24.80 9.58
N ASN A 19 13.79 -25.68 9.30
CA ASN A 19 13.42 -26.03 7.94
C ASN A 19 12.92 -24.78 7.20
N LEU A 20 12.06 -23.97 7.83
CA LEU A 20 11.60 -22.70 7.22
C LEU A 20 12.79 -21.81 6.82
N LEU A 21 13.73 -21.61 7.74
CA LEU A 21 14.88 -20.72 7.52
C LEU A 21 15.81 -21.30 6.45
N LEU A 22 15.91 -22.62 6.38
CA LEU A 22 16.84 -23.28 5.44
C LEU A 22 16.24 -23.32 4.03
N THR A 23 14.92 -23.47 3.92
CA THR A 23 14.24 -23.66 2.63
C THR A 23 13.66 -22.34 2.09
N ARG A 24 13.28 -21.40 2.97
CA ARG A 24 12.60 -20.19 2.49
C ARG A 24 13.33 -18.91 2.92
N GLY A 25 14.44 -19.05 3.65
CA GLY A 25 15.20 -17.92 4.14
C GLY A 25 16.57 -17.87 3.50
N VAL A 26 17.34 -16.86 3.85
CA VAL A 26 18.73 -16.72 3.41
C VAL A 26 19.55 -16.35 4.64
N ASP A 27 20.86 -16.21 4.50
CA ASP A 27 21.67 -15.73 5.63
C ASP A 27 21.17 -14.36 6.04
N GLY A 28 20.87 -14.21 7.33
CA GLY A 28 20.28 -12.99 7.85
C GLY A 28 18.80 -13.13 8.11
N SER A 29 18.16 -14.18 7.60
CA SER A 29 16.75 -14.47 7.91
C SER A 29 16.63 -14.85 9.39
N PHE A 30 15.51 -14.52 10.00
CA PHE A 30 15.29 -14.81 11.42
C PHE A 30 13.80 -14.85 11.72
N LEU A 31 13.46 -15.50 12.82
CA LEU A 31 12.12 -15.52 13.35
C LEU A 31 12.21 -15.79 14.85
N ALA A 32 11.15 -15.44 15.56
CA ALA A 32 11.04 -15.68 16.95
C ALA A 32 9.84 -16.60 17.16
N ARG A 33 9.92 -17.38 18.24
CA ARG A 33 8.91 -18.35 18.60
C ARG A 33 8.97 -18.66 20.10
N PRO A 34 7.87 -19.14 20.66
CA PRO A 34 7.85 -19.50 22.03
C PRO A 34 8.37 -20.93 22.20
N SER A 35 8.79 -21.27 23.42
CA SER A 35 9.11 -22.69 23.78
C SER A 35 7.84 -23.36 24.29
N LYS A 36 7.48 -24.49 23.69
CA LYS A 36 6.08 -24.95 23.70
C LYS A 36 5.64 -25.44 25.08
N SER A 37 6.55 -25.56 26.05
CA SER A 37 6.18 -26.01 27.40
C SER A 37 6.87 -25.15 28.48
N ASN A 38 7.29 -23.95 28.11
CA ASN A 38 8.12 -23.12 28.97
C ASN A 38 7.75 -21.65 28.73
N PRO A 39 6.72 -21.15 29.45
CA PRO A 39 6.26 -19.78 29.27
C PRO A 39 7.26 -18.82 29.93
N GLY A 40 7.59 -17.75 29.23
CA GLY A 40 8.72 -16.95 29.61
C GLY A 40 9.97 -17.36 28.84
N ASP A 41 9.91 -18.50 28.14
CA ASP A 41 11.02 -18.85 27.25
C ASP A 41 10.58 -18.64 25.81
N PHE A 42 11.47 -17.97 25.07
CA PHE A 42 11.36 -17.73 23.67
C PHE A 42 12.69 -18.04 23.02
N THR A 43 12.65 -18.27 21.73
CA THR A 43 13.82 -18.50 20.95
C THR A 43 13.83 -17.57 19.74
N LEU A 44 14.99 -16.99 19.49
CA LEU A 44 15.28 -16.24 18.27
C LEU A 44 16.08 -17.14 17.33
N SER A 45 15.43 -17.68 16.30
CA SER A 45 16.12 -18.52 15.31
C SER A 45 16.67 -17.68 14.15
N VAL A 46 17.96 -17.86 13.85
CA VAL A 46 18.66 -17.00 12.88
C VAL A 46 19.49 -17.84 11.93
N ARG A 47 19.42 -17.57 10.63
CA ARG A 47 20.29 -18.20 9.68
C ARG A 47 21.57 -17.37 9.50
N ARG A 48 22.72 -18.06 9.58
CA ARG A 48 24.03 -17.46 9.29
C ARG A 48 24.95 -18.58 8.79
N ASN A 49 25.65 -18.32 7.68
CA ASN A 49 26.58 -19.30 7.06
C ASN A 49 25.84 -20.57 6.62
N GLY A 50 24.59 -20.44 6.16
CA GLY A 50 23.81 -21.61 5.71
C GLY A 50 23.57 -22.61 6.82
N ALA A 51 23.43 -22.13 8.06
CA ALA A 51 23.13 -22.96 9.21
C ALA A 51 22.29 -22.14 10.20
N VAL A 52 21.39 -22.78 10.92
CA VAL A 52 20.46 -22.07 11.82
C VAL A 52 21.04 -22.07 13.25
N THR A 53 21.06 -20.90 13.89
CA THR A 53 21.45 -20.78 15.30
C THR A 53 20.24 -20.33 16.12
N HIS A 54 20.12 -20.89 17.33
CA HIS A 54 19.01 -20.63 18.21
C HIS A 54 19.50 -19.89 19.46
N ILE A 55 18.92 -18.73 19.72
CA ILE A 55 19.29 -17.91 20.86
C ILE A 55 18.10 -17.82 21.82
N LYS A 56 18.32 -18.14 23.09
CA LYS A 56 17.25 -18.12 24.07
C LYS A 56 16.99 -16.69 24.55
N ILE A 57 15.72 -16.37 24.70
CA ILE A 57 15.27 -15.18 25.40
C ILE A 57 14.40 -15.66 26.56
N GLN A 58 14.70 -15.13 27.72
CA GLN A 58 14.07 -15.54 28.95
C GLN A 58 13.28 -14.35 29.48
N ASN A 59 12.08 -14.59 29.99
CA ASN A 59 11.35 -13.56 30.68
C ASN A 59 10.72 -14.20 31.93
N THR A 60 11.26 -13.88 33.11
CA THR A 60 10.70 -14.33 34.39
C THR A 60 9.68 -13.31 34.96
N GLY A 61 9.42 -12.22 34.26
CA GLY A 61 8.41 -11.28 34.74
C GLY A 61 8.88 -9.84 34.79
N ASP A 62 10.18 -9.59 34.61
CA ASP A 62 10.71 -8.19 34.67
C ASP A 62 11.15 -7.57 33.34
N TYR A 63 11.57 -8.41 32.38
CA TYR A 63 12.12 -7.94 31.10
C TYR A 63 12.47 -9.18 30.26
N TYR A 64 12.62 -8.98 28.98
CA TYR A 64 13.11 -10.01 28.04
C TYR A 64 14.64 -9.95 28.03
N ASP A 65 15.27 -11.08 28.32
CA ASP A 65 16.70 -11.09 28.49
C ASP A 65 17.21 -12.00 27.41
N LEU A 66 17.87 -11.41 26.41
CA LEU A 66 18.43 -12.13 25.30
C LEU A 66 19.83 -12.66 25.68
N TYR A 67 20.05 -13.97 25.58
CA TYR A 67 21.37 -14.51 25.94
C TYR A 67 22.43 -13.91 25.01
N GLY A 68 23.49 -13.34 25.59
CA GLY A 68 24.57 -12.71 24.82
C GLY A 68 24.13 -11.40 24.17
N GLY A 69 23.04 -10.83 24.68
CA GLY A 69 22.51 -9.55 24.19
C GLY A 69 22.03 -8.70 25.34
N GLU A 70 21.05 -7.86 25.08
CA GLU A 70 20.57 -6.89 26.05
C GLU A 70 19.23 -7.33 26.65
N LYS A 71 18.79 -6.55 27.64
CA LYS A 71 17.46 -6.69 28.24
C LYS A 71 16.48 -5.74 27.55
N PHE A 72 15.29 -6.22 27.19
CA PHE A 72 14.32 -5.39 26.44
C PHE A 72 12.94 -5.41 27.11
N ALA A 73 12.15 -4.39 26.79
CA ALA A 73 10.80 -4.27 27.32
C ALA A 73 9.80 -5.09 26.48
N THR A 74 10.05 -5.31 25.19
CA THR A 74 9.17 -6.03 24.28
C THR A 74 10.02 -6.72 23.21
N LEU A 75 9.51 -7.81 22.64
CA LEU A 75 10.21 -8.47 21.50
C LEU A 75 10.29 -7.54 20.28
N ALA A 76 9.33 -6.65 20.06
CA ALA A 76 9.38 -5.76 18.90
C ALA A 76 10.52 -4.76 19.10
N GLU A 77 10.67 -4.23 20.31
CA GLU A 77 11.74 -3.29 20.61
C GLU A 77 13.08 -4.03 20.48
N LEU A 78 13.11 -5.30 20.88
CA LEU A 78 14.31 -6.12 20.77
C LEU A 78 14.69 -6.30 19.29
N VAL A 79 13.74 -6.68 18.43
CA VAL A 79 14.04 -6.82 16.99
C VAL A 79 14.40 -5.43 16.41
N GLN A 80 13.67 -4.37 16.73
CA GLN A 80 13.96 -3.05 16.15
C GLN A 80 15.43 -2.71 16.42
N TYR A 81 15.85 -2.90 17.67
CA TYR A 81 17.20 -2.55 18.11
C TYR A 81 18.25 -3.27 17.28
N TYR A 82 18.10 -4.58 17.07
CA TYR A 82 19.14 -5.35 16.38
C TYR A 82 19.05 -5.14 14.86
N MET A 83 17.89 -4.80 14.31
CA MET A 83 17.79 -4.51 12.87
C MET A 83 18.35 -3.11 12.55
N GLU A 84 18.66 -2.30 13.57
CA GLU A 84 19.23 -0.94 13.44
C GLU A 84 20.67 -0.88 14.00
N HIS A 85 21.25 -2.02 14.36
CA HIS A 85 22.61 -2.05 14.94
C HIS A 85 23.35 -3.31 14.48
N HIS A 86 24.15 -3.20 13.42
CA HIS A 86 25.01 -4.32 12.97
C HIS A 86 26.11 -4.59 14.01
N GLY A 87 26.49 -5.87 14.13
CA GLY A 87 27.66 -6.27 14.92
C GLY A 87 27.39 -6.31 16.41
N GLN A 88 26.13 -6.11 16.80
CA GLN A 88 25.74 -5.87 18.21
C GLN A 88 25.24 -7.15 18.88
N LEU A 89 24.69 -8.08 18.09
CA LEU A 89 24.27 -9.38 18.63
C LEU A 89 25.43 -10.36 18.43
N LYS A 90 25.84 -11.05 19.49
CA LYS A 90 27.05 -11.90 19.39
C LYS A 90 26.79 -13.32 19.92
N GLU A 91 27.42 -14.28 19.24
CA GLU A 91 27.47 -15.68 19.63
C GLU A 91 28.27 -15.81 20.94
N LYS A 92 28.17 -16.95 21.62
CA LYS A 92 28.95 -17.21 22.85
C LYS A 92 30.43 -16.88 22.62
N ASN A 93 31.02 -17.41 21.53
CA ASN A 93 32.45 -17.20 21.20
C ASN A 93 32.72 -15.76 20.75
N GLY A 94 31.69 -15.06 20.25
CA GLY A 94 31.79 -13.61 19.99
C GLY A 94 31.57 -13.23 18.53
N ASP A 95 31.30 -14.20 17.66
CA ASP A 95 30.93 -13.90 16.26
C ASP A 95 29.63 -13.05 16.23
N VAL A 96 29.50 -12.19 15.22
CA VAL A 96 28.30 -11.33 15.09
C VAL A 96 27.19 -12.12 14.39
N ILE A 97 26.00 -12.08 14.95
CA ILE A 97 24.80 -12.64 14.34
C ILE A 97 23.97 -11.46 13.83
N GLU A 98 23.69 -11.42 12.53
CA GLU A 98 22.95 -10.30 11.92
C GLU A 98 21.48 -10.70 11.74
N LEU A 99 20.55 -9.87 12.26
CA LEU A 99 19.13 -9.98 11.87
C LEU A 99 18.87 -9.01 10.71
N LYS A 100 18.68 -9.54 9.52
CA LYS A 100 18.49 -8.76 8.31
C LYS A 100 17.05 -8.89 7.79
N TYR A 101 16.55 -10.12 7.65
CA TYR A 101 15.31 -10.39 6.91
C TYR A 101 14.31 -11.17 7.77
N PRO A 102 13.26 -10.50 8.27
CA PRO A 102 12.24 -11.16 9.03
C PRO A 102 11.62 -12.29 8.19
N LEU A 103 11.43 -13.46 8.75
CA LEU A 103 10.72 -14.50 8.01
C LEU A 103 9.28 -14.52 8.51
N ASN A 104 8.36 -14.17 7.62
CA ASN A 104 6.99 -13.82 7.94
C ASN A 104 6.15 -15.08 8.19
N CYS A 105 5.25 -14.96 9.17
CA CYS A 105 4.34 -16.02 9.60
C CYS A 105 3.00 -15.84 8.88
N ALA A 106 2.42 -16.93 8.40
CA ALA A 106 1.11 -16.88 7.76
C ALA A 106 0.00 -17.27 8.74
N ASP A 107 0.37 -17.74 9.92
CA ASP A 107 -0.58 -18.17 10.96
C ASP A 107 -1.47 -16.98 11.39
N PRO A 108 -2.80 -17.07 11.19
CA PRO A 108 -3.70 -16.00 11.65
C PRO A 108 -4.17 -16.04 13.12
N THR A 109 -3.74 -17.01 13.91
CA THR A 109 -4.38 -17.26 15.20
C THR A 109 -4.25 -16.09 16.18
N SER A 110 -3.20 -15.24 16.05
CA SER A 110 -2.96 -14.13 17.00
C SER A 110 -3.51 -12.79 16.46
N GLU A 111 -4.45 -12.84 15.53
CA GLU A 111 -5.05 -11.64 14.98
C GLU A 111 -6.39 -11.41 15.71
N ARG A 112 -6.61 -10.18 16.13
CA ARG A 112 -7.82 -9.85 16.88
C ARG A 112 -9.09 -10.25 16.14
N TRP A 113 -9.03 -10.32 14.80
CA TRP A 113 -10.20 -10.57 13.97
C TRP A 113 -10.36 -12.07 13.69
N PHE A 114 -9.39 -12.92 14.03
CA PHE A 114 -9.51 -14.33 13.68
C PHE A 114 -10.23 -15.11 14.79
N HIS A 115 -11.42 -15.60 14.47
CA HIS A 115 -12.15 -16.47 15.35
C HIS A 115 -12.36 -17.80 14.63
N GLY A 116 -11.36 -18.68 14.70
CA GLY A 116 -11.35 -19.93 13.95
C GLY A 116 -12.64 -20.70 14.11
N HIS A 117 -12.83 -21.29 15.30
CA HIS A 117 -14.01 -22.10 15.63
C HIS A 117 -15.20 -21.18 15.94
N LEU A 118 -16.10 -21.02 14.97
CA LEU A 118 -17.22 -20.08 15.09
C LEU A 118 -18.17 -20.29 13.90
N SER A 119 -19.43 -20.60 14.15
CA SER A 119 -20.40 -20.84 13.07
C SER A 119 -20.93 -19.52 12.51
N GLY A 120 -21.73 -19.63 11.45
CA GLY A 120 -22.27 -18.47 10.75
C GLY A 120 -23.29 -17.69 11.56
N LYS A 121 -24.20 -18.40 12.23
CA LYS A 121 -25.23 -17.73 13.03
C LYS A 121 -24.60 -17.25 14.35
N GLU A 122 -23.67 -18.04 14.89
CA GLU A 122 -22.89 -17.63 16.05
C GLU A 122 -22.16 -16.31 15.77
N ALA A 123 -21.72 -16.09 14.52
CA ALA A 123 -21.00 -14.87 14.12
C ALA A 123 -21.96 -13.69 13.91
N GLU A 124 -23.19 -13.97 13.48
CA GLU A 124 -24.23 -12.96 13.30
C GLU A 124 -24.68 -12.43 14.67
N LYS A 125 -24.89 -13.33 15.63
CA LYS A 125 -25.26 -12.95 17.02
C LYS A 125 -24.23 -11.94 17.55
N LEU A 126 -22.98 -12.37 17.62
CA LEU A 126 -21.87 -11.55 18.15
C LEU A 126 -21.84 -10.18 17.46
N LEU A 127 -21.93 -10.15 16.13
CA LEU A 127 -21.83 -8.89 15.39
C LEU A 127 -23.08 -8.03 15.62
N THR A 128 -24.25 -8.65 15.66
CA THR A 128 -25.50 -7.94 15.95
C THR A 128 -25.41 -7.24 17.31
N GLU A 129 -24.96 -7.95 18.33
CA GLU A 129 -24.92 -7.43 19.71
C GLU A 129 -23.69 -6.52 19.89
N LYS A 130 -22.50 -7.12 19.78
CA LYS A 130 -21.28 -6.48 20.27
C LYS A 130 -20.69 -5.55 19.21
N GLY A 131 -21.17 -5.62 17.97
CA GLY A 131 -20.52 -4.94 16.86
C GLY A 131 -21.21 -3.64 16.49
N LYS A 132 -20.42 -2.75 15.89
CA LYS A 132 -20.92 -1.50 15.32
C LYS A 132 -20.53 -1.46 13.84
N HIS A 133 -20.88 -0.38 13.16
CA HIS A 133 -20.53 -0.21 11.75
C HIS A 133 -19.03 -0.49 11.54
N GLY A 134 -18.71 -1.34 10.57
CA GLY A 134 -17.34 -1.64 10.18
C GLY A 134 -16.71 -2.72 11.06
N SER A 135 -17.46 -3.30 12.00
CA SER A 135 -16.91 -4.38 12.84
C SER A 135 -16.80 -5.67 12.01
N PHE A 136 -15.68 -6.37 12.06
CA PHE A 136 -15.54 -7.57 11.21
C PHE A 136 -14.80 -8.67 11.97
N LEU A 137 -14.86 -9.87 11.41
CA LEU A 137 -14.20 -11.09 11.90
C LEU A 137 -13.99 -12.05 10.72
N VAL A 138 -13.11 -13.02 10.93
CA VAL A 138 -12.86 -14.10 9.98
C VAL A 138 -12.98 -15.42 10.72
N ARG A 139 -13.75 -16.33 10.13
CA ARG A 139 -14.06 -17.64 10.72
C ARG A 139 -13.78 -18.73 9.68
N GLU A 140 -13.45 -19.93 10.17
CA GLU A 140 -13.32 -21.10 9.29
C GLU A 140 -14.69 -21.47 8.73
N SER A 141 -14.75 -21.81 7.44
CA SER A 141 -15.99 -22.19 6.78
C SER A 141 -16.45 -23.55 7.32
N GLN A 142 -17.75 -23.69 7.53
CA GLN A 142 -18.34 -24.96 7.95
C GLN A 142 -18.57 -25.83 6.72
N SER A 143 -19.24 -25.28 5.70
CA SER A 143 -19.74 -26.05 4.54
C SER A 143 -18.65 -26.28 3.49
N HIS A 144 -17.57 -25.51 3.53
CA HIS A 144 -16.47 -25.68 2.60
C HIS A 144 -15.17 -25.85 3.39
N PRO A 145 -14.85 -27.11 3.74
CA PRO A 145 -13.66 -27.40 4.54
C PRO A 145 -12.42 -26.76 3.93
N GLY A 146 -11.64 -26.06 4.75
CA GLY A 146 -10.37 -25.45 4.34
C GLY A 146 -10.49 -23.98 3.98
N ASP A 147 -11.72 -23.54 3.69
CA ASP A 147 -12.00 -22.15 3.33
C ASP A 147 -12.35 -21.34 4.57
N PHE A 148 -12.49 -20.03 4.38
CA PHE A 148 -12.77 -19.13 5.45
C PHE A 148 -13.92 -18.22 5.04
N VAL A 149 -14.46 -17.47 6.01
CA VAL A 149 -15.53 -16.50 5.78
C VAL A 149 -15.22 -15.20 6.52
N LEU A 150 -15.50 -14.09 5.85
CA LEU A 150 -15.31 -12.74 6.38
C LEU A 150 -16.68 -12.14 6.63
N SER A 151 -16.99 -11.85 7.88
CA SER A 151 -18.30 -11.35 8.26
C SER A 151 -18.17 -9.89 8.71
N VAL A 152 -18.96 -8.99 8.09
CA VAL A 152 -18.81 -7.54 8.37
C VAL A 152 -20.18 -6.94 8.70
N ARG A 153 -20.21 -6.07 9.70
CA ARG A 153 -21.39 -5.27 9.98
C ARG A 153 -21.24 -3.90 9.32
N THR A 154 -22.31 -3.37 8.74
CA THR A 154 -22.35 -1.96 8.29
C THR A 154 -23.74 -1.38 8.56
N GLY A 155 -23.81 -0.10 8.92
CA GLY A 155 -25.09 0.59 9.10
C GLY A 155 -24.96 1.84 9.95
N ASP A 156 -26.04 2.18 10.66
CA ASP A 156 -26.11 3.34 11.57
C ASP A 156 -26.24 2.90 13.03
N ASP A 157 -25.44 3.49 13.91
CA ASP A 157 -25.52 3.25 15.37
C ASP A 157 -26.04 4.48 16.12
N ASN A 162 -33.27 -2.02 16.31
CA ASN A 162 -33.40 -3.08 15.32
C ASN A 162 -34.46 -2.70 14.29
N ASP A 163 -34.04 -1.90 13.31
CA ASP A 163 -34.96 -1.34 12.32
C ASP A 163 -34.52 -1.58 10.86
N GLY A 164 -33.52 -2.44 10.66
CA GLY A 164 -32.98 -2.73 9.33
C GLY A 164 -31.96 -1.70 8.86
N LYS A 165 -31.58 -0.76 9.74
CA LYS A 165 -30.62 0.29 9.38
C LYS A 165 -29.21 -0.29 9.30
N SER A 166 -29.03 -1.46 9.91
CA SER A 166 -27.76 -2.17 9.90
C SER A 166 -27.94 -3.52 9.20
N LYS A 167 -26.82 -4.18 8.92
CA LYS A 167 -26.84 -5.49 8.28
C LYS A 167 -25.48 -6.16 8.46
N VAL A 168 -25.44 -7.48 8.27
CA VAL A 168 -24.19 -8.22 8.26
C VAL A 168 -24.02 -8.84 6.86
N THR A 169 -22.83 -8.69 6.28
CA THR A 169 -22.50 -9.30 4.99
C THR A 169 -21.42 -10.37 5.18
N HIS A 170 -21.62 -11.52 4.53
CA HIS A 170 -20.66 -12.61 4.50
C HIS A 170 -19.94 -12.64 3.14
N VAL A 171 -18.63 -12.86 3.17
CA VAL A 171 -17.81 -12.97 1.96
C VAL A 171 -16.97 -14.23 2.09
N MET A 172 -17.04 -15.11 1.09
CA MET A 172 -16.40 -16.39 1.15
C MET A 172 -14.93 -16.22 0.77
N ILE A 173 -14.02 -16.78 1.57
CA ILE A 173 -12.59 -16.74 1.27
C ILE A 173 -12.12 -18.16 0.93
N ARG A 174 -11.73 -18.34 -0.32
CA ARG A 174 -11.24 -19.62 -0.81
C ARG A 174 -9.76 -19.76 -0.47
N CYS A 175 -9.40 -20.97 -0.04
CA CYS A 175 -8.01 -21.36 0.08
C CYS A 175 -7.68 -22.34 -1.04
N GLN A 176 -6.98 -21.84 -2.06
CA GLN A 176 -6.51 -22.63 -3.18
C GLN A 176 -4.97 -22.60 -3.15
N GLU A 177 -4.38 -23.76 -2.85
CA GLU A 177 -2.94 -23.95 -2.97
C GLU A 177 -2.21 -22.95 -2.06
N LEU A 178 -2.65 -22.90 -0.80
CA LEU A 178 -2.03 -22.08 0.26
C LEU A 178 -2.06 -20.58 -0.10
N LYS A 179 -2.99 -20.18 -0.97
CA LYS A 179 -3.23 -18.75 -1.22
C LYS A 179 -4.73 -18.47 -1.03
N TYR A 180 -5.04 -17.24 -0.64
CA TYR A 180 -6.40 -16.87 -0.28
C TYR A 180 -6.90 -15.78 -1.22
N ASP A 181 -8.16 -15.92 -1.64
CA ASP A 181 -8.82 -14.96 -2.53
C ASP A 181 -10.31 -14.83 -2.24
N VAL A 182 -10.91 -13.72 -2.69
CA VAL A 182 -12.33 -13.45 -2.49
C VAL A 182 -13.14 -13.81 -3.74
N GLY A 183 -12.65 -14.76 -4.55
CA GLY A 183 -13.38 -15.25 -5.70
C GLY A 183 -12.85 -14.68 -7.01
N GLY A 184 -11.96 -13.68 -6.91
CA GLY A 184 -11.38 -13.05 -8.09
C GLY A 184 -10.30 -12.07 -7.69
N GLY A 185 -9.47 -11.66 -8.65
CA GLY A 185 -8.42 -10.66 -8.43
C GLY A 185 -7.14 -11.25 -7.86
N GLU A 186 -6.67 -10.67 -6.76
CA GLU A 186 -5.36 -11.01 -6.22
C GLU A 186 -5.46 -12.24 -5.30
N ARG A 187 -4.43 -13.07 -5.35
CA ARG A 187 -4.29 -14.24 -4.50
C ARG A 187 -3.22 -13.94 -3.44
N PHE A 188 -3.59 -14.01 -2.17
CA PHE A 188 -2.75 -13.58 -1.04
C PHE A 188 -2.13 -14.80 -0.34
N ASP A 189 -0.94 -14.60 0.23
CA ASP A 189 -0.17 -15.68 0.86
C ASP A 189 -0.64 -16.02 2.25
N SER A 190 -1.46 -15.16 2.83
CA SER A 190 -1.95 -15.32 4.18
C SER A 190 -3.26 -14.55 4.31
N LEU A 191 -4.11 -14.99 5.23
CA LEU A 191 -5.34 -14.27 5.52
C LEU A 191 -5.02 -12.85 5.98
N THR A 192 -3.89 -12.65 6.65
CA THR A 192 -3.48 -11.31 7.12
C THR A 192 -3.23 -10.39 5.92
N ASP A 193 -2.52 -10.88 4.92
CA ASP A 193 -2.27 -10.07 3.74
C ASP A 193 -3.60 -9.72 3.08
N LEU A 194 -4.52 -10.67 3.05
CA LEU A 194 -5.83 -10.47 2.41
C LEU A 194 -6.61 -9.39 3.17
N VAL A 195 -6.65 -9.50 4.48
CA VAL A 195 -7.44 -8.58 5.32
C VAL A 195 -6.82 -7.18 5.23
N GLU A 196 -5.50 -7.07 5.31
CA GLU A 196 -4.79 -5.76 5.16
C GLU A 196 -5.15 -5.09 3.83
N HIS A 197 -5.18 -5.87 2.75
CA HIS A 197 -5.46 -5.32 1.44
C HIS A 197 -6.89 -4.79 1.38
N TYR A 198 -7.87 -5.48 1.96
CA TYR A 198 -9.27 -5.03 1.81
C TYR A 198 -9.59 -4.03 2.93
N LYS A 199 -8.75 -3.98 3.95
CA LYS A 199 -8.78 -2.93 4.98
C LYS A 199 -8.44 -1.57 4.33
N LYS A 200 -7.52 -1.60 3.37
CA LYS A 200 -7.04 -0.40 2.71
C LYS A 200 -7.89 -0.11 1.46
N ASN A 201 -8.34 -1.16 0.78
CA ASN A 201 -9.08 -0.99 -0.48
C ASN A 201 -10.41 -1.75 -0.35
N PRO A 202 -11.39 -1.12 0.33
CA PRO A 202 -12.64 -1.79 0.73
C PRO A 202 -13.42 -2.35 -0.46
N MET A 203 -14.03 -3.50 -0.25
CA MET A 203 -14.87 -4.12 -1.25
C MET A 203 -16.16 -3.29 -1.38
N VAL A 204 -16.65 -3.21 -2.61
CA VAL A 204 -17.88 -2.49 -2.94
C VAL A 204 -18.89 -3.50 -3.48
N GLU A 205 -20.07 -3.52 -2.88
CA GLU A 205 -21.20 -4.24 -3.46
C GLU A 205 -21.65 -3.47 -4.70
N THR A 206 -22.12 -4.18 -5.72
CA THR A 206 -22.62 -3.55 -6.95
C THR A 206 -23.54 -2.38 -6.59
N LEU A 207 -24.44 -2.61 -5.62
CA LEU A 207 -25.46 -1.62 -5.27
C LEU A 207 -24.89 -0.55 -4.34
N GLY A 208 -23.59 -0.59 -4.07
CA GLY A 208 -22.90 0.60 -3.55
C GLY A 208 -22.45 0.46 -2.10
N THR A 209 -22.85 -0.57 -1.37
CA THR A 209 -22.39 -0.71 0.01
C THR A 209 -20.87 -0.97 0.00
N VAL A 210 -20.17 -0.19 0.79
CA VAL A 210 -18.73 -0.34 0.99
C VAL A 210 -18.50 -1.20 2.22
N LEU A 211 -17.95 -2.42 2.06
CA LEU A 211 -17.69 -3.29 3.23
C LEU A 211 -16.40 -2.84 3.93
N GLN A 212 -16.53 -1.80 4.74
CA GLN A 212 -15.40 -1.22 5.43
C GLN A 212 -15.02 -2.13 6.61
N LEU A 213 -13.72 -2.39 6.77
CA LEU A 213 -13.22 -3.15 7.92
C LEU A 213 -12.56 -2.18 8.89
N LYS A 214 -13.35 -1.57 9.77
CA LYS A 214 -12.84 -0.49 10.64
C LYS A 214 -12.20 -1.04 11.91
N GLN A 215 -12.85 -1.98 12.60
CA GLN A 215 -12.27 -2.57 13.81
C GLN A 215 -12.70 -4.04 13.97
N PRO A 216 -11.79 -4.88 14.46
CA PRO A 216 -12.18 -6.25 14.75
C PRO A 216 -13.27 -6.31 15.83
N LEU A 217 -14.12 -7.32 15.74
CA LEU A 217 -15.12 -7.60 16.75
C LEU A 217 -14.46 -7.74 18.12
N ASN A 218 -15.01 -7.07 19.12
CA ASN A 218 -14.46 -7.16 20.46
C ASN A 218 -15.15 -8.29 21.22
N THR A 219 -14.37 -9.30 21.61
CA THR A 219 -14.90 -10.44 22.34
C THR A 219 -14.27 -10.53 23.73
N THR A 220 -13.46 -9.52 24.13
CA THR A 220 -12.72 -9.58 25.40
C THR A 220 -13.42 -8.71 26.45
N ARG A 221 -14.14 -7.68 26.01
CA ARG A 221 -14.96 -6.88 26.91
C ARG A 221 -16.02 -7.81 27.53
N ILE A 222 -16.05 -7.88 28.87
CA ILE A 222 -16.97 -8.75 29.61
C ILE A 222 -17.61 -7.92 30.72
N ASN A 223 -18.82 -8.30 31.10
CA ASN A 223 -19.44 -7.73 32.25
C ASN A 223 -18.79 -8.35 33.48
N ALA A 224 -18.71 -7.59 34.57
CA ALA A 224 -17.93 -7.97 35.75
C ALA A 224 -18.54 -9.20 36.44
N ALA A 225 -19.85 -9.39 36.35
CA ALA A 225 -20.51 -10.48 37.04
C ALA A 225 -20.25 -11.81 36.33
N GLU A 226 -19.73 -11.77 35.09
CA GLU A 226 -19.47 -12.99 34.30
C GLU A 226 -17.97 -13.30 34.27
N ILE A 227 -17.18 -12.63 35.10
CA ILE A 227 -15.72 -12.88 35.21
C ILE A 227 -15.46 -14.36 35.48
N GLU A 228 -16.24 -14.98 36.38
CA GLU A 228 -16.05 -16.39 36.77
C GLU A 228 -16.19 -17.30 35.56
N SER A 229 -17.13 -17.02 34.65
CA SER A 229 -17.38 -17.89 33.51
C SER A 229 -16.28 -17.71 32.45
N ARG A 230 -15.83 -16.49 32.23
CA ARG A 230 -14.81 -16.21 31.21
C ARG A 230 -13.48 -16.86 31.66
N VAL A 231 -13.21 -16.76 33.00
CA VAL A 231 -11.97 -17.31 33.57
C VAL A 231 -11.99 -18.83 33.41
N ARG A 232 -13.14 -19.46 33.73
CA ARG A 232 -13.34 -20.90 33.53
C ARG A 232 -13.03 -21.30 32.09
N GLU A 233 -13.48 -20.49 31.12
CA GLU A 233 -13.26 -20.72 29.67
C GLU A 233 -11.77 -20.59 29.32
N LEU A 234 -11.15 -19.53 29.79
CA LEU A 234 -9.75 -19.24 29.49
C LEU A 234 -8.84 -20.28 30.17
N SER A 235 -9.30 -20.88 31.26
CA SER A 235 -8.57 -21.91 32.00
C SER A 235 -8.56 -23.26 31.25
N LYS A 236 -9.66 -23.61 30.58
CA LYS A 236 -9.89 -25.01 30.10
C LYS A 236 -8.68 -25.52 29.31
N GLY A 247 -7.86 -20.06 25.43
CA GLY A 247 -6.92 -20.12 26.53
C GLY A 247 -6.37 -18.74 26.87
N PHE A 248 -5.87 -18.61 28.10
CA PHE A 248 -5.16 -17.45 28.51
C PHE A 248 -3.99 -17.23 27.56
N TRP A 249 -3.38 -18.33 27.09
CA TRP A 249 -2.19 -18.20 26.25
C TRP A 249 -2.54 -17.49 24.94
N GLU A 250 -3.58 -17.96 24.27
CA GLU A 250 -3.96 -17.43 22.95
C GLU A 250 -4.36 -15.94 23.05
N GLU A 251 -5.14 -15.62 24.07
CA GLU A 251 -5.62 -14.25 24.26
C GLU A 251 -4.40 -13.35 24.53
N PHE A 252 -3.44 -13.83 25.33
CA PHE A 252 -2.26 -13.09 25.63
C PHE A 252 -1.45 -12.86 24.35
N GLU A 253 -1.33 -13.89 23.53
CA GLU A 253 -0.50 -13.76 22.34
C GLU A 253 -1.12 -12.75 21.37
N THR A 254 -2.43 -12.69 21.33
CA THR A 254 -3.11 -11.73 20.48
C THR A 254 -2.74 -10.31 20.93
N LEU A 255 -2.72 -10.13 22.26
CA LEU A 255 -2.31 -8.84 22.84
C LEU A 255 -0.87 -8.52 22.42
N GLN A 256 0.04 -9.47 22.57
CA GLN A 256 1.47 -9.24 22.25
C GLN A 256 1.67 -8.86 20.77
N GLN A 257 0.83 -9.37 19.87
CA GLN A 257 0.93 -9.11 18.46
C GLN A 257 0.74 -7.62 18.20
N GLN A 258 -0.01 -6.95 19.05
CA GLN A 258 -0.33 -5.56 18.80
C GLN A 258 0.77 -4.64 19.35
N GLU A 259 1.89 -5.19 19.84
CA GLU A 259 2.88 -4.31 20.48
C GLU A 259 3.73 -3.61 19.41
N CYS A 260 3.64 -4.03 18.15
CA CYS A 260 4.36 -3.37 17.05
C CYS A 260 3.74 -2.00 16.72
N LYS A 261 2.51 -1.75 17.18
CA LYS A 261 1.86 -0.44 17.02
C LYS A 261 2.33 0.54 18.10
N LEU A 262 3.21 0.12 19.03
CA LEU A 262 3.56 0.90 20.21
C LEU A 262 5.05 1.27 20.20
N LEU A 263 5.67 1.38 19.04
CA LEU A 263 7.11 1.72 18.93
C LEU A 263 7.32 3.24 18.88
N TYR A 264 6.82 3.91 19.90
CA TYR A 264 6.91 5.38 20.03
C TYR A 264 8.34 5.79 20.40
N SER A 265 8.69 7.03 20.10
CA SER A 265 10.10 7.44 20.23
C SER A 265 10.50 7.52 21.70
N ARG A 266 11.78 7.29 21.92
CA ARG A 266 12.36 7.25 23.24
C ARG A 266 13.69 8.02 23.25
N LYS A 267 13.74 9.13 22.51
CA LYS A 267 14.99 9.84 22.20
C LYS A 267 15.66 10.38 23.48
N GLU A 268 14.88 10.90 24.42
CA GLU A 268 15.50 11.59 25.55
C GLU A 268 16.30 10.59 26.40
N GLY A 269 15.77 9.39 26.58
CA GLY A 269 16.47 8.38 27.32
C GLY A 269 17.74 7.90 26.62
N GLN A 270 17.83 8.10 25.31
CA GLN A 270 18.98 7.64 24.49
C GLN A 270 20.11 8.69 24.48
N ARG A 271 19.88 9.90 25.00
CA ARG A 271 20.94 10.91 24.94
C ARG A 271 22.12 10.50 25.84
N GLN A 272 23.32 10.81 25.41
CA GLN A 272 24.53 10.46 26.14
C GLN A 272 24.41 10.89 27.61
N GLU A 273 23.91 12.09 27.84
CA GLU A 273 23.81 12.69 29.19
C GLU A 273 22.92 11.84 30.12
N ASN A 274 22.03 11.02 29.54
CA ASN A 274 21.00 10.30 30.31
C ASN A 274 21.29 8.79 30.36
N LYS A 275 22.39 8.37 29.76
CA LYS A 275 22.67 6.97 29.58
C LYS A 275 22.68 6.30 30.95
N ASN A 276 23.38 6.91 31.89
CA ASN A 276 23.68 6.26 33.12
C ASN A 276 22.55 6.49 34.15
N LYS A 277 21.42 7.05 33.70
CA LYS A 277 20.26 7.27 34.53
C LYS A 277 19.24 6.14 34.32
N ASN A 278 19.56 5.18 33.46
CA ASN A 278 18.70 4.06 33.12
C ASN A 278 19.29 2.76 33.68
N ARG A 279 18.45 1.96 34.33
CA ARG A 279 18.89 0.71 34.94
C ARG A 279 19.33 -0.23 33.83
N TYR A 280 18.55 -0.26 32.75
CA TYR A 280 18.89 -1.05 31.56
C TYR A 280 18.94 -0.10 30.36
N LYS A 281 20.00 -0.15 29.58
CA LYS A 281 20.22 0.89 28.54
C LYS A 281 19.07 0.92 27.51
N ASN A 282 18.36 -0.16 27.25
CA ASN A 282 17.35 -0.15 26.18
C ASN A 282 15.94 -0.22 26.75
N ILE A 283 15.75 -0.13 28.07
CA ILE A 283 14.38 -0.04 28.59
C ILE A 283 14.17 1.43 29.01
N LEU A 284 13.43 2.16 28.20
CA LEU A 284 13.43 3.66 28.22
C LEU A 284 12.00 4.18 28.19
N PRO A 285 11.79 5.37 28.78
CA PRO A 285 10.45 5.94 28.82
C PRO A 285 10.09 6.56 27.45
N PHE A 286 8.84 6.44 27.05
CA PHE A 286 8.39 7.17 25.88
C PHE A 286 8.53 8.67 26.14
N ASP A 287 8.99 9.38 25.12
CA ASP A 287 9.08 10.81 25.12
C ASP A 287 7.75 11.52 25.50
N HIS A 288 6.64 11.02 24.98
CA HIS A 288 5.37 11.73 25.03
C HIS A 288 4.70 11.57 26.39
N THR A 289 5.17 10.65 27.23
CA THR A 289 4.58 10.50 28.56
C THR A 289 5.63 10.58 29.66
N ARG A 290 6.91 10.86 29.36
CA ARG A 290 7.92 10.82 30.41
C ARG A 290 7.68 11.95 31.42
N VAL A 291 8.09 11.73 32.63
CA VAL A 291 8.03 12.80 33.63
C VAL A 291 9.20 13.76 33.37
N VAL A 292 8.92 15.04 33.06
CA VAL A 292 9.95 16.06 32.88
C VAL A 292 10.21 16.73 34.24
N LEU A 293 11.46 16.78 34.67
CA LEU A 293 11.76 17.39 35.93
C LEU A 293 12.17 18.83 35.66
N HIS A 294 11.55 19.74 36.40
CA HIS A 294 11.87 21.16 36.30
C HIS A 294 12.71 21.59 37.50
N ASP A 295 13.24 22.80 37.44
CA ASP A 295 14.00 23.41 38.52
C ASP A 295 15.31 22.70 38.89
N GLY A 296 15.97 22.16 37.88
CA GLY A 296 17.19 21.39 38.11
C GLY A 296 18.35 22.31 38.44
N ASP A 297 19.39 21.75 39.04
CA ASP A 297 20.67 22.46 39.20
C ASP A 297 20.99 23.19 37.89
N PRO A 298 21.08 24.54 37.93
CA PRO A 298 21.37 25.32 36.72
C PRO A 298 22.72 24.97 36.07
N ASN A 299 23.65 24.41 36.84
CA ASN A 299 24.96 24.02 36.33
C ASN A 299 24.83 22.72 35.51
N GLU A 300 23.87 21.86 35.85
CA GLU A 300 23.80 20.52 35.24
C GLU A 300 23.14 20.63 33.85
N PRO A 301 23.89 20.32 32.77
CA PRO A 301 23.44 20.33 31.34
C PRO A 301 22.04 19.75 31.09
N VAL A 302 21.86 18.46 31.42
CA VAL A 302 20.57 17.80 31.37
C VAL A 302 20.17 17.42 32.79
N SER A 303 19.15 18.09 33.32
CA SER A 303 18.67 17.85 34.67
C SER A 303 17.19 17.49 34.65
N ASP A 304 16.61 17.29 33.47
CA ASP A 304 15.15 17.10 33.33
C ASP A 304 14.72 15.65 33.17
N TYR A 305 15.67 14.72 33.32
CA TYR A 305 15.42 13.32 32.95
C TYR A 305 15.36 12.38 34.18
N ILE A 306 14.31 11.57 34.21
CA ILE A 306 14.17 10.39 35.03
C ILE A 306 13.49 9.29 34.17
N ASN A 307 13.87 8.04 34.38
CA ASN A 307 13.25 6.91 33.69
C ASN A 307 11.90 6.63 34.38
N ALA A 308 10.88 7.34 33.92
CA ALA A 308 9.57 7.26 34.55
C ALA A 308 8.53 7.79 33.56
N ASN A 309 7.33 7.24 33.64
CA ASN A 309 6.25 7.74 32.78
C ASN A 309 4.96 7.95 33.59
N ILE A 310 4.21 8.97 33.17
CA ILE A 310 2.83 9.16 33.66
C ILE A 310 1.90 8.17 32.96
N ILE A 311 1.09 7.51 33.78
CA ILE A 311 0.10 6.61 33.30
C ILE A 311 -1.24 7.19 33.69
N MET A 312 -1.95 7.68 32.69
CA MET A 312 -3.25 8.32 32.87
C MET A 312 -4.30 7.35 32.34
N PRO A 313 -5.12 6.76 33.22
CA PRO A 313 -6.06 5.76 32.72
C PRO A 313 -6.98 6.49 31.72
N GLU A 314 -7.22 5.91 30.55
CA GLU A 314 -8.15 6.48 29.56
C GLU A 314 -9.12 5.37 29.13
N PHE A 315 -10.38 5.76 28.93
CA PHE A 315 -11.53 4.84 28.76
C PHE A 315 -11.32 3.57 29.61
N LYS A 325 -10.06 8.22 38.27
CA LYS A 325 -9.38 9.47 37.89
C LYS A 325 -8.08 9.61 38.68
N LYS A 326 -7.71 8.55 39.39
CA LYS A 326 -6.37 8.38 39.96
C LYS A 326 -5.39 8.22 38.80
N SER A 327 -4.18 8.82 38.90
CA SER A 327 -3.16 8.58 37.92
C SER A 327 -1.93 7.95 38.63
N TYR A 328 -0.94 7.46 37.86
CA TYR A 328 0.19 6.77 38.39
C TYR A 328 1.44 7.32 37.70
N ILE A 329 2.55 7.12 38.35
CA ILE A 329 3.83 7.20 37.70
C ILE A 329 4.50 5.83 37.83
N ALA A 330 4.86 5.25 36.69
CA ALA A 330 5.56 4.00 36.65
C ALA A 330 7.05 4.31 36.43
N THR A 331 7.88 3.76 37.28
CA THR A 331 9.28 4.12 37.20
C THR A 331 10.11 2.90 37.57
N GLN A 332 11.40 2.98 37.26
CA GLN A 332 12.38 1.96 37.66
C GLN A 332 12.79 2.10 39.14
N GLY A 333 13.39 1.03 39.67
CA GLY A 333 14.10 1.15 40.93
C GLY A 333 15.25 2.15 40.81
N CYS A 334 15.50 2.95 41.84
CA CYS A 334 16.56 3.95 41.76
C CYS A 334 17.94 3.33 41.61
N LEU A 335 18.79 4.04 40.89
CA LEU A 335 20.24 3.87 40.93
C LEU A 335 20.83 4.82 41.96
N GLN A 336 22.05 4.53 42.41
CA GLN A 336 22.59 5.34 43.45
C GLN A 336 22.60 6.79 42.95
N ASN A 337 22.86 7.03 41.65
CA ASN A 337 22.97 8.40 41.08
C ASN A 337 21.61 8.98 40.67
N THR A 338 20.50 8.29 40.85
CA THR A 338 19.18 8.87 40.51
C THR A 338 18.30 9.05 41.74
N VAL A 339 18.77 8.72 42.94
CA VAL A 339 17.96 8.88 44.16
C VAL A 339 17.53 10.36 44.31
N ASN A 340 18.44 11.29 44.00
CA ASN A 340 18.08 12.74 44.13
C ASN A 340 16.95 13.09 43.17
N ASP A 341 17.04 12.59 41.93
CA ASP A 341 16.02 12.78 40.91
C ASP A 341 14.66 12.18 41.31
N PHE A 342 14.68 10.98 41.87
CA PHE A 342 13.45 10.36 42.41
C PHE A 342 12.72 11.27 43.39
N TRP A 343 13.45 11.85 44.34
CA TRP A 343 12.81 12.71 45.34
C TRP A 343 12.34 14.03 44.71
N ARG A 344 13.11 14.57 43.78
CA ARG A 344 12.66 15.75 42.97
C ARG A 344 11.31 15.46 42.28
N MET A 345 11.18 14.25 41.71
CA MET A 345 9.97 13.84 41.03
C MET A 345 8.78 13.70 42.01
N VAL A 346 8.96 13.05 43.16
CA VAL A 346 7.89 12.89 44.14
C VAL A 346 7.42 14.28 44.58
N PHE A 347 8.39 15.15 44.81
CA PHE A 347 8.08 16.48 45.32
C PHE A 347 7.31 17.26 44.25
N GLN A 348 7.86 17.33 43.05
CA GLN A 348 7.30 18.11 41.94
C GLN A 348 5.87 17.68 41.58
N GLU A 349 5.64 16.38 41.62
CA GLU A 349 4.37 15.81 41.19
C GLU A 349 3.32 15.78 42.31
N ASN A 350 3.71 16.19 43.52
CA ASN A 350 2.85 16.15 44.69
C ASN A 350 2.40 14.73 45.03
N SER A 351 3.18 13.71 44.70
CA SER A 351 2.84 12.33 45.08
C SER A 351 2.91 12.13 46.60
N ARG A 352 1.92 11.41 47.13
CA ARG A 352 1.86 11.18 48.54
C ARG A 352 1.87 9.70 48.88
N VAL A 353 1.95 8.83 47.87
CA VAL A 353 1.89 7.41 48.09
C VAL A 353 2.88 6.83 47.06
N ILE A 354 3.76 5.93 47.53
CA ILE A 354 4.70 5.21 46.71
C ILE A 354 4.42 3.74 46.95
N VAL A 355 4.43 2.96 45.86
CA VAL A 355 4.32 1.52 45.93
C VAL A 355 5.63 0.93 45.40
N MET A 356 6.30 0.13 46.22
CA MET A 356 7.50 -0.59 45.86
C MET A 356 7.15 -2.08 45.68
N THR A 357 7.49 -2.67 44.56
CA THR A 357 6.98 -3.99 44.14
C THR A 357 8.06 -5.07 44.30
N THR A 358 9.27 -4.71 44.74
CA THR A 358 10.30 -5.75 44.99
C THR A 358 10.98 -5.53 46.35
N LYS A 359 11.58 -6.59 46.85
CA LYS A 359 12.63 -6.39 47.87
C LYS A 359 13.79 -5.56 47.30
N GLU A 360 14.60 -5.04 48.20
CA GLU A 360 15.83 -4.35 47.81
C GLU A 360 16.74 -5.30 47.03
N VAL A 361 16.83 -6.54 47.52
CA VAL A 361 17.70 -7.55 46.95
C VAL A 361 16.87 -8.81 46.68
N GLU A 362 17.05 -9.38 45.49
CA GLU A 362 16.44 -10.68 45.22
C GLU A 362 17.46 -11.50 44.42
N ARG A 363 17.52 -12.79 44.73
CA ARG A 363 18.45 -13.69 44.06
C ARG A 363 19.89 -13.18 44.24
N GLY A 364 20.14 -12.45 45.33
CA GLY A 364 21.46 -11.86 45.64
C GLY A 364 21.76 -10.61 44.82
N LYS A 365 20.78 -10.09 44.08
CA LYS A 365 20.98 -9.00 43.14
C LYS A 365 20.12 -7.81 43.55
N SER A 366 20.67 -6.60 43.41
CA SER A 366 20.02 -5.34 43.77
C SER A 366 18.91 -5.04 42.76
N LYS A 367 17.68 -4.94 43.24
CA LYS A 367 16.50 -4.65 42.39
C LYS A 367 16.04 -3.17 42.54
N CYS A 368 16.19 -2.56 43.71
CA CYS A 368 16.05 -1.07 43.85
CA CYS A 368 16.03 -1.07 43.82
C CYS A 368 16.89 -0.60 45.03
N VAL A 369 17.70 0.44 44.87
CA VAL A 369 18.60 0.87 45.96
C VAL A 369 17.70 1.42 47.08
N LYS A 370 18.17 1.35 48.33
CA LYS A 370 17.49 2.04 49.42
C LYS A 370 17.61 3.53 49.16
N TYR A 371 16.48 4.21 49.14
CA TYR A 371 16.39 5.62 48.84
C TYR A 371 15.71 6.39 49.98
N TRP A 372 15.42 5.72 51.09
CA TRP A 372 14.73 6.30 52.23
C TRP A 372 15.64 6.17 53.46
N PRO A 373 15.49 7.05 54.46
CA PRO A 373 16.27 6.94 55.67
C PRO A 373 15.86 5.75 56.56
N ASP A 374 16.78 5.31 57.40
CA ASP A 374 16.43 4.36 58.49
C ASP A 374 15.35 4.96 59.39
N GLU A 375 14.53 4.11 60.01
CA GLU A 375 13.44 4.55 60.92
C GLU A 375 13.97 5.55 61.96
N TYR A 376 13.23 6.65 62.09
CA TYR A 376 13.51 7.79 63.01
C TYR A 376 14.63 8.72 62.44
N ALA A 377 15.31 8.37 61.37
CA ALA A 377 16.42 9.18 60.89
C ALA A 377 15.95 10.22 59.86
N LEU A 378 16.79 11.21 59.66
CA LEU A 378 16.60 12.28 58.70
C LEU A 378 17.81 12.33 57.78
N LYS A 379 17.57 12.39 56.49
CA LYS A 379 18.61 12.45 55.48
C LYS A 379 18.28 13.53 54.46
N GLU A 380 19.31 14.13 53.90
CA GLU A 380 19.16 15.04 52.79
C GLU A 380 19.54 14.33 51.49
N TYR A 381 18.68 14.46 50.50
CA TYR A 381 18.90 13.93 49.18
C TYR A 381 18.90 15.11 48.19
N GLY A 382 20.10 15.62 47.93
CA GLY A 382 20.30 16.95 47.30
C GLY A 382 19.51 18.05 48.01
N VAL A 383 18.62 18.71 47.27
CA VAL A 383 17.78 19.82 47.80
C VAL A 383 16.59 19.28 48.64
N MET A 384 16.33 17.96 48.65
CA MET A 384 15.21 17.41 49.38
C MET A 384 15.70 16.85 50.71
N ARG A 385 14.82 16.90 51.67
CA ARG A 385 15.04 16.40 53.01
C ARG A 385 13.96 15.35 53.28
N VAL A 386 14.33 14.19 53.82
CA VAL A 386 13.35 13.15 54.10
C VAL A 386 13.52 12.67 55.54
N ARG A 387 12.46 12.66 56.32
CA ARG A 387 12.41 11.99 57.60
C ARG A 387 11.60 10.68 57.53
N ASN A 388 12.17 9.58 58.04
CA ASN A 388 11.40 8.33 58.27
C ASN A 388 10.76 8.36 59.67
N VAL A 389 9.46 8.69 59.73
CA VAL A 389 8.75 8.96 60.98
C VAL A 389 8.47 7.65 61.73
N LYS A 390 8.09 6.61 61.00
CA LYS A 390 7.61 5.37 61.61
C LYS A 390 7.42 4.29 60.53
N GLU A 391 7.85 3.06 60.85
CA GLU A 391 7.63 1.90 60.01
C GLU A 391 6.65 0.97 60.73
N SER A 392 5.79 0.34 59.95
CA SER A 392 4.77 -0.58 60.45
C SER A 392 4.82 -1.84 59.62
N ALA A 393 4.97 -3.00 60.26
CA ALA A 393 5.04 -4.28 59.59
C ALA A 393 3.64 -4.88 59.48
N ALA A 394 3.33 -5.35 58.29
CA ALA A 394 2.13 -6.10 58.02
C ALA A 394 2.58 -7.42 57.39
N HIS A 395 1.65 -8.28 57.04
CA HIS A 395 2.03 -9.62 56.61
C HIS A 395 2.86 -9.56 55.32
N ASP A 396 2.30 -8.91 54.31
CA ASP A 396 2.84 -8.91 52.99
C ASP A 396 3.59 -7.65 52.64
N TYR A 397 3.60 -6.64 53.50
CA TYR A 397 4.25 -5.37 53.19
C TYR A 397 4.70 -4.64 54.46
N THR A 398 5.51 -3.59 54.22
CA THR A 398 5.94 -2.69 55.23
C THR A 398 5.46 -1.30 54.85
N LEU A 399 4.88 -0.56 55.80
CA LEU A 399 4.51 0.82 55.54
C LEU A 399 5.53 1.75 56.22
N ARG A 400 6.08 2.71 55.48
CA ARG A 400 7.00 3.71 56.02
C ARG A 400 6.33 5.07 55.79
N GLU A 401 6.09 5.75 56.88
CA GLU A 401 5.58 7.10 56.86
C GLU A 401 6.80 8.03 56.76
N LEU A 402 6.99 8.67 55.62
CA LEU A 402 8.13 9.55 55.34
C LEU A 402 7.62 11.00 55.33
N LYS A 403 8.44 11.95 55.78
CA LYS A 403 8.11 13.37 55.62
C LYS A 403 9.14 13.96 54.66
N LEU A 404 8.63 14.51 53.56
CA LEU A 404 9.43 15.07 52.49
C LEU A 404 9.25 16.59 52.47
N SER A 405 10.37 17.31 52.43
CA SER A 405 10.38 18.75 52.33
C SER A 405 11.60 19.22 51.53
N LYS A 406 11.54 20.48 51.07
CA LYS A 406 12.62 21.08 50.39
C LYS A 406 13.52 21.77 51.42
N VAL A 407 14.82 21.55 51.27
CA VAL A 407 15.80 22.16 52.19
C VAL A 407 15.70 23.70 52.10
N GLY A 408 15.75 24.35 53.26
CA GLY A 408 15.63 25.78 53.36
C GLY A 408 14.18 26.25 53.34
N GLN A 409 13.20 25.39 53.09
CA GLN A 409 11.82 25.86 52.95
C GLN A 409 10.90 25.07 53.89
N GLY A 410 10.77 25.56 55.12
CA GLY A 410 10.03 24.83 56.21
C GLY A 410 8.64 24.34 55.81
N ASN A 411 7.85 25.20 55.17
CA ASN A 411 6.41 24.98 55.02
C ASN A 411 6.09 24.09 53.82
N THR A 412 7.09 23.46 53.19
CA THR A 412 6.86 22.61 52.02
C THR A 412 6.68 21.16 52.44
N GLU A 413 6.71 20.86 53.73
CA GLU A 413 6.73 19.51 54.23
C GLU A 413 5.40 18.81 53.90
N ARG A 414 5.47 17.58 53.39
CA ARG A 414 4.25 16.72 53.25
C ARG A 414 4.60 15.27 53.59
N THR A 415 3.60 14.52 54.03
CA THR A 415 3.81 13.11 54.31
C THR A 415 3.65 12.28 53.04
N VAL A 416 4.61 11.38 52.87
CA VAL A 416 4.60 10.45 51.78
C VAL A 416 4.59 9.06 52.41
N TRP A 417 3.60 8.26 52.02
CA TRP A 417 3.38 6.97 52.58
C TRP A 417 3.96 5.92 51.61
N GLN A 418 4.95 5.18 52.05
CA GLN A 418 5.58 4.22 51.18
C GLN A 418 5.13 2.81 51.56
N TYR A 419 4.50 2.16 50.64
CA TYR A 419 3.99 0.81 50.79
C TYR A 419 4.92 -0.17 50.06
N HIS A 420 5.66 -0.95 50.83
CA HIS A 420 6.70 -1.78 50.31
C HIS A 420 6.22 -3.21 50.37
N PHE A 421 5.78 -3.76 49.23
CA PHE A 421 5.32 -5.17 49.11
C PHE A 421 6.55 -6.07 49.14
N ARG A 422 6.54 -7.06 50.02
CA ARG A 422 7.77 -7.76 50.33
C ARG A 422 7.65 -9.25 49.97
N THR A 423 6.48 -9.74 49.59
CA THR A 423 6.30 -11.17 49.50
C THR A 423 6.12 -11.67 48.06
N TRP A 424 6.31 -10.86 47.04
CA TRP A 424 6.14 -11.35 45.69
C TRP A 424 7.25 -12.39 45.42
N PRO A 425 6.91 -13.50 44.79
CA PRO A 425 7.99 -14.54 44.70
C PRO A 425 9.12 -14.08 43.74
N ASP A 426 10.30 -14.66 43.85
CA ASP A 426 11.47 -14.25 43.01
C ASP A 426 11.25 -14.44 41.52
N HIS A 427 10.55 -15.50 41.17
CA HIS A 427 10.13 -15.76 39.79
C HIS A 427 8.63 -16.04 39.79
N GLY A 428 7.97 -15.68 38.71
CA GLY A 428 6.56 -15.98 38.51
C GLY A 428 5.66 -15.00 39.26
N VAL A 429 4.51 -15.48 39.70
CA VAL A 429 3.52 -14.58 40.38
C VAL A 429 3.05 -15.25 41.68
N PRO A 430 2.41 -14.51 42.60
CA PRO A 430 1.79 -15.15 43.76
C PRO A 430 0.77 -16.21 43.32
N SER A 431 0.68 -17.29 44.08
CA SER A 431 -0.26 -18.35 43.72
C SER A 431 -1.67 -18.01 44.24
N ASP A 432 -1.79 -16.91 44.98
CA ASP A 432 -3.07 -16.42 45.47
C ASP A 432 -3.03 -14.87 45.46
N PRO A 433 -4.08 -14.22 44.93
CA PRO A 433 -4.07 -12.77 44.80
C PRO A 433 -4.60 -11.96 46.01
N GLY A 434 -5.10 -12.64 47.05
CA GLY A 434 -5.61 -11.93 48.27
C GLY A 434 -4.62 -10.94 48.86
N GLY A 435 -3.35 -11.34 48.93
CA GLY A 435 -2.30 -10.47 49.51
C GLY A 435 -2.15 -9.16 48.76
N VAL A 436 -2.06 -9.26 47.44
CA VAL A 436 -1.90 -8.09 46.59
C VAL A 436 -3.19 -7.25 46.70
N LEU A 437 -4.35 -7.91 46.78
CA LEU A 437 -5.62 -7.14 46.70
C LEU A 437 -5.82 -6.36 48.00
N ASP A 438 -5.56 -6.98 49.15
CA ASP A 438 -5.59 -6.32 50.47
C ASP A 438 -4.67 -5.11 50.53
N PHE A 439 -3.48 -5.27 49.96
CA PHE A 439 -2.50 -4.21 49.79
C PHE A 439 -3.05 -3.05 48.96
N LEU A 440 -3.54 -3.35 47.75
CA LEU A 440 -4.01 -2.28 46.86
C LEU A 440 -5.22 -1.58 47.49
N GLU A 441 -6.02 -2.32 48.23
CA GLU A 441 -7.19 -1.73 48.88
C GLU A 441 -6.70 -0.67 49.89
N GLU A 442 -5.70 -1.03 50.68
CA GLU A 442 -5.22 -0.14 51.66
C GLU A 442 -4.53 1.06 50.99
N VAL A 443 -3.75 0.85 49.91
CA VAL A 443 -3.10 1.91 49.13
C VAL A 443 -4.13 2.90 48.56
N HIS A 444 -5.21 2.35 48.09
CA HIS A 444 -6.28 3.14 47.51
C HIS A 444 -6.96 4.03 48.57
N HIS A 445 -7.27 3.47 49.74
CA HIS A 445 -7.87 4.26 50.83
C HIS A 445 -6.90 5.36 51.31
N LYS A 446 -5.60 5.07 51.38
CA LYS A 446 -4.67 6.11 51.76
C LYS A 446 -4.72 7.24 50.72
N GLN A 447 -4.59 6.93 49.44
CA GLN A 447 -4.58 7.98 48.39
C GLN A 447 -5.88 8.79 48.49
N GLU A 448 -7.00 8.12 48.61
CA GLU A 448 -8.30 8.77 48.65
C GLU A 448 -8.47 9.70 49.87
N SER A 449 -7.78 9.45 50.95
CA SER A 449 -7.93 10.23 52.19
C SER A 449 -7.10 11.54 52.12
N ILE A 450 -6.25 11.72 51.10
CA ILE A 450 -5.38 12.88 51.10
C ILE A 450 -5.84 13.86 50.01
N MET A 451 -6.25 15.04 50.46
CA MET A 451 -6.84 16.07 49.58
C MET A 451 -5.83 16.43 48.47
N ASP A 452 -6.26 16.38 47.22
CA ASP A 452 -5.43 16.79 46.08
C ASP A 452 -4.09 16.04 45.89
N ALA A 453 -3.99 14.81 46.38
CA ALA A 453 -2.77 14.05 46.19
C ALA A 453 -2.48 13.88 44.69
N GLY A 454 -1.21 13.83 44.37
CA GLY A 454 -0.77 13.69 43.03
C GLY A 454 -0.76 12.21 42.66
N PRO A 455 -0.14 11.85 41.56
CA PRO A 455 -0.18 10.46 41.12
C PRO A 455 0.52 9.51 42.08
N VAL A 456 0.05 8.26 42.13
CA VAL A 456 0.64 7.25 42.94
C VAL A 456 1.88 6.71 42.22
N VAL A 457 3.05 6.75 42.88
CA VAL A 457 4.28 6.28 42.26
C VAL A 457 4.37 4.75 42.48
N VAL A 458 4.64 4.00 41.43
CA VAL A 458 4.76 2.54 41.48
C VAL A 458 6.09 2.19 40.80
N HIS A 459 6.96 1.42 41.47
CA HIS A 459 8.27 1.16 40.89
C HIS A 459 8.92 -0.10 41.47
N CYS A 460 10.16 -0.26 40.95
CA CYS A 460 11.32 -1.13 41.34
C CYS A 460 11.73 -1.90 40.09
N SER A 461 12.76 -2.71 40.18
CA SER A 461 13.32 -3.33 39.03
C SER A 461 13.29 -2.36 37.83
N ALA A 462 12.82 -2.83 36.69
CA ALA A 462 12.81 -2.08 35.44
C ALA A 462 11.55 -1.21 35.33
N GLY A 463 10.55 -1.47 36.17
CA GLY A 463 9.38 -0.63 36.20
C GLY A 463 8.35 -0.95 35.12
N ILE A 464 8.29 -2.20 34.62
CA ILE A 464 7.36 -2.59 33.54
C ILE A 464 6.59 -3.87 33.91
N GLY A 465 7.22 -4.82 34.61
CA GLY A 465 6.59 -6.12 34.82
C GLY A 465 5.58 -6.10 35.96
N ARG A 466 6.11 -6.20 37.17
CA ARG A 466 5.28 -6.13 38.40
C ARG A 466 4.61 -4.76 38.50
N THR A 467 5.34 -3.70 38.20
CA THR A 467 4.78 -2.36 38.17
C THR A 467 3.52 -2.30 37.30
N GLY A 468 3.59 -2.83 36.08
CA GLY A 468 2.46 -2.71 35.18
C GLY A 468 1.32 -3.60 35.62
N THR A 469 1.63 -4.74 36.24
CA THR A 469 0.66 -5.67 36.76
C THR A 469 -0.12 -5.07 37.92
N PHE A 470 0.55 -4.46 38.88
CA PHE A 470 -0.07 -3.78 40.04
C PHE A 470 -0.96 -2.60 39.56
N ILE A 471 -0.47 -1.80 38.62
CA ILE A 471 -1.23 -0.64 38.06
C ILE A 471 -2.48 -1.15 37.32
N VAL A 472 -2.36 -2.13 36.44
CA VAL A 472 -3.54 -2.67 35.72
C VAL A 472 -4.59 -3.19 36.71
N ILE A 473 -4.20 -4.01 37.67
CA ILE A 473 -5.13 -4.53 38.63
C ILE A 473 -5.83 -3.35 39.33
N ASP A 474 -5.03 -2.35 39.69
CA ASP A 474 -5.56 -1.19 40.41
C ASP A 474 -6.61 -0.46 39.60
N ILE A 475 -6.35 -0.28 38.32
CA ILE A 475 -7.31 0.41 37.39
C ILE A 475 -8.62 -0.38 37.30
N LEU A 476 -8.50 -1.69 37.06
CA LEU A 476 -9.67 -2.56 36.92
C LEU A 476 -10.49 -2.61 38.20
N ILE A 477 -9.83 -2.71 39.36
CA ILE A 477 -10.50 -2.84 40.67
C ILE A 477 -11.22 -1.53 41.00
N ASP A 478 -10.62 -0.41 40.62
CA ASP A 478 -11.29 0.86 40.87
C ASP A 478 -12.58 1.03 40.08
N ILE A 479 -12.65 0.49 38.86
CA ILE A 479 -13.86 0.54 38.03
C ILE A 479 -14.94 -0.25 38.78
N ILE A 480 -14.56 -1.43 39.27
CA ILE A 480 -15.50 -2.31 39.94
C ILE A 480 -15.90 -1.73 41.30
N ARG A 481 -14.99 -1.12 42.03
CA ARG A 481 -15.32 -0.51 43.33
C ARG A 481 -16.33 0.65 43.17
N GLU A 482 -16.16 1.49 42.15
CA GLU A 482 -17.07 2.63 41.91
C GLU A 482 -18.42 2.14 41.35
N LYS A 483 -18.41 1.41 40.23
CA LYS A 483 -19.67 1.13 39.49
C LYS A 483 -20.29 -0.21 39.92
N GLY A 484 -19.54 -1.03 40.64
CA GLY A 484 -20.05 -2.33 41.10
C GLY A 484 -19.95 -3.39 40.03
N VAL A 485 -20.63 -4.50 40.24
CA VAL A 485 -20.59 -5.62 39.30
C VAL A 485 -21.65 -5.42 38.20
N ASP A 486 -21.87 -4.17 37.78
CA ASP A 486 -22.77 -3.90 36.66
C ASP A 486 -22.05 -3.00 35.67
N CYS A 487 -20.74 -3.19 35.56
CA CYS A 487 -19.88 -2.43 34.67
C CYS A 487 -19.15 -3.39 33.73
N ASP A 488 -18.57 -2.87 32.64
CA ASP A 488 -17.84 -3.70 31.68
C ASP A 488 -16.35 -3.46 31.85
N ILE A 489 -15.60 -4.56 31.86
CA ILE A 489 -14.17 -4.50 31.88
C ILE A 489 -13.62 -5.29 30.67
N ASP A 490 -12.43 -4.88 30.24
CA ASP A 490 -11.75 -5.42 29.07
C ASP A 490 -10.24 -5.43 29.39
N VAL A 491 -9.73 -6.59 29.84
CA VAL A 491 -8.38 -6.65 30.44
C VAL A 491 -7.32 -6.30 29.39
N PRO A 492 -7.38 -6.93 28.19
CA PRO A 492 -6.38 -6.65 27.20
C PRO A 492 -6.46 -5.21 26.67
N LYS A 493 -7.65 -4.65 26.47
CA LYS A 493 -7.73 -3.23 26.03
C LYS A 493 -7.07 -2.31 27.08
N THR A 494 -7.34 -2.58 28.36
CA THR A 494 -6.78 -1.79 29.43
C THR A 494 -5.24 -1.89 29.38
N ILE A 495 -4.72 -3.09 29.19
CA ILE A 495 -3.28 -3.30 29.12
C ILE A 495 -2.69 -2.54 27.93
N GLN A 496 -3.35 -2.59 26.78
CA GLN A 496 -2.82 -1.93 25.58
C GLN A 496 -2.76 -0.41 25.80
N MET A 497 -3.75 0.13 26.48
CA MET A 497 -3.80 1.54 26.84
C MET A 497 -2.67 1.95 27.81
N VAL A 498 -2.29 1.09 28.76
CA VAL A 498 -1.17 1.38 29.70
C VAL A 498 0.18 1.24 28.95
N ARG A 499 0.24 0.24 28.05
CA ARG A 499 1.43 -0.01 27.23
C ARG A 499 1.70 1.11 26.22
N SER A 500 0.67 1.84 25.82
CA SER A 500 0.89 3.00 24.99
C SER A 500 1.54 4.13 25.81
N GLN A 501 1.59 4.00 27.13
CA GLN A 501 2.20 5.08 27.93
C GLN A 501 3.54 4.70 28.56
N ARG A 502 3.85 3.41 28.70
CA ARG A 502 5.22 2.99 29.04
C ARG A 502 5.46 1.61 28.41
N SER A 503 6.66 1.41 27.87
CA SER A 503 6.98 0.20 27.10
C SER A 503 6.76 -1.07 27.92
N GLY A 504 6.00 -2.05 27.43
CA GLY A 504 6.07 -3.42 27.96
C GLY A 504 5.38 -3.60 29.31
N MET A 505 4.49 -2.68 29.66
CA MET A 505 3.74 -2.83 30.87
C MET A 505 2.96 -4.16 30.82
N VAL A 506 3.22 -5.02 31.81
CA VAL A 506 2.77 -6.38 31.96
C VAL A 506 3.59 -7.25 31.00
N GLN A 507 4.42 -8.12 31.56
CA GLN A 507 5.52 -8.76 30.81
C GLN A 507 5.19 -10.17 30.35
N THR A 508 4.43 -10.90 31.16
CA THR A 508 4.35 -12.34 30.94
C THR A 508 2.91 -12.80 30.99
N GLU A 509 2.71 -13.97 30.44
CA GLU A 509 1.41 -14.62 30.42
C GLU A 509 0.96 -14.97 31.84
N ALA A 510 1.90 -15.28 32.75
CA ALA A 510 1.59 -15.54 34.16
C ALA A 510 1.04 -14.28 34.86
N GLN A 511 1.57 -13.12 34.51
CA GLN A 511 1.08 -11.83 35.06
C GLN A 511 -0.33 -11.58 34.49
N TYR A 512 -0.48 -11.91 33.22
CA TYR A 512 -1.74 -11.71 32.53
C TYR A 512 -2.84 -12.54 33.21
N ARG A 513 -2.60 -13.83 33.40
CA ARG A 513 -3.56 -14.71 34.12
C ARG A 513 -3.80 -14.20 35.55
N PHE A 514 -2.75 -13.71 36.21
CA PHE A 514 -2.84 -13.22 37.61
C PHE A 514 -3.77 -12.03 37.70
N ILE A 515 -3.78 -11.19 36.67
CA ILE A 515 -4.67 -10.03 36.64
C ILE A 515 -6.12 -10.55 36.62
N TYR A 516 -6.43 -11.52 35.75
CA TYR A 516 -7.80 -12.07 35.68
C TYR A 516 -8.21 -12.68 37.02
N MET A 517 -7.27 -13.35 37.68
CA MET A 517 -7.51 -14.05 38.91
C MET A 517 -7.73 -13.04 40.05
N ALA A 518 -7.02 -11.93 40.03
CA ALA A 518 -7.19 -10.90 41.04
C ALA A 518 -8.57 -10.22 40.88
N VAL A 519 -8.95 -9.92 39.64
CA VAL A 519 -10.25 -9.30 39.41
C VAL A 519 -11.33 -10.25 39.93
N GLN A 520 -11.26 -11.52 39.54
CA GLN A 520 -12.20 -12.57 39.95
C GLN A 520 -12.30 -12.64 41.47
N HIS A 521 -11.16 -12.78 42.14
CA HIS A 521 -11.07 -12.81 43.60
C HIS A 521 -11.74 -11.55 44.19
N TYR A 522 -11.46 -10.38 43.61
CA TYR A 522 -12.04 -9.13 44.13
C TYR A 522 -13.57 -9.14 43.96
N ILE A 523 -14.08 -9.79 42.90
CA ILE A 523 -15.55 -9.86 42.66
C ILE A 523 -16.18 -10.87 43.64
N GLU A 524 -15.48 -11.98 43.91
CA GLU A 524 -15.98 -13.00 44.85
C GLU A 524 -16.07 -12.44 46.27
N THR A 525 -15.14 -11.58 46.70
CA THR A 525 -15.24 -11.07 48.09
C THR A 525 -16.28 -9.93 48.17
N LEU A 526 -16.55 -9.22 47.08
CA LEU A 526 -17.61 -8.21 47.08
C LEU A 526 -18.98 -8.90 47.14
N GLN A 527 -19.11 -10.09 46.56
CA GLN A 527 -20.34 -10.91 46.66
C GLN A 527 -20.44 -11.56 48.05
N ARG A 528 -19.34 -11.57 48.79
CA ARG A 528 -19.29 -12.07 50.17
C ARG A 528 -19.91 -11.03 51.11
N ARG A 529 -19.82 -9.74 50.77
CA ARG A 529 -20.47 -8.70 51.57
C ARG A 529 -21.99 -8.82 51.43
N SER B 4 -2.46 -2.42 -13.23
CA SER B 4 -1.00 -2.70 -13.11
C SER B 4 -0.49 -3.47 -14.34
N ARG B 5 -1.36 -4.28 -14.93
CA ARG B 5 -1.11 -5.00 -16.21
C ARG B 5 0.03 -6.01 -16.03
N ARG B 6 0.09 -6.61 -14.85
CA ARG B 6 1.11 -7.59 -14.53
C ARG B 6 0.78 -8.94 -15.19
N TRP B 7 -0.47 -9.11 -15.67
CA TRP B 7 -0.93 -10.36 -16.32
C TRP B 7 -0.38 -10.46 -17.76
N PHE B 8 0.32 -9.45 -18.27
CA PHE B 8 0.93 -9.53 -19.60
C PHE B 8 2.39 -9.97 -19.48
N HIS B 9 2.72 -11.09 -20.15
CA HIS B 9 4.06 -11.67 -20.11
C HIS B 9 4.72 -11.46 -21.48
N PRO B 10 5.65 -10.49 -21.57
CA PRO B 10 6.22 -10.13 -22.88
C PRO B 10 7.18 -11.17 -23.47
N ASN B 11 7.85 -11.97 -22.64
CA ASN B 11 8.99 -12.81 -23.10
C ASN B 11 8.73 -14.29 -22.80
N ILE B 12 7.50 -14.75 -23.00
CA ILE B 12 7.15 -16.11 -22.61
C ILE B 12 6.71 -16.88 -23.86
N THR B 13 6.92 -18.19 -23.86
CA THR B 13 6.41 -19.10 -24.89
C THR B 13 5.09 -19.72 -24.44
N GLY B 14 4.41 -20.37 -25.40
CA GLY B 14 3.17 -21.09 -25.16
C GLY B 14 3.32 -22.21 -24.15
N VAL B 15 4.38 -23.02 -24.28
CA VAL B 15 4.65 -24.10 -23.32
C VAL B 15 4.96 -23.49 -21.95
N GLU B 16 5.81 -22.47 -21.94
CA GLU B 16 6.15 -21.78 -20.67
C GLU B 16 4.91 -21.19 -20.02
N ALA B 17 3.97 -20.65 -20.84
CA ALA B 17 2.71 -20.11 -20.31
C ALA B 17 1.89 -21.24 -19.68
N GLU B 18 1.88 -22.41 -20.32
CA GLU B 18 1.12 -23.55 -19.83
C GLU B 18 1.63 -23.97 -18.45
N ASN B 19 2.96 -24.10 -18.29
CA ASN B 19 3.51 -24.63 -17.03
C ASN B 19 3.24 -23.64 -15.89
N LEU B 20 3.36 -22.34 -16.16
CA LEU B 20 3.06 -21.30 -15.16
C LEU B 20 1.62 -21.45 -14.64
N LEU B 21 0.67 -21.61 -15.56
CA LEU B 21 -0.71 -21.67 -15.15
C LEU B 21 -0.96 -22.96 -14.36
N LEU B 22 -0.26 -24.04 -14.72
CA LEU B 22 -0.46 -25.31 -14.04
C LEU B 22 0.30 -25.32 -12.70
N THR B 23 1.45 -24.66 -12.58
CA THR B 23 2.27 -24.75 -11.36
C THR B 23 1.85 -23.68 -10.34
N ARG B 24 1.60 -22.47 -10.79
CA ARG B 24 1.41 -21.37 -9.86
C ARG B 24 0.00 -20.76 -10.00
N GLY B 25 -0.81 -21.30 -10.90
CA GLY B 25 -2.17 -20.83 -11.08
C GLY B 25 -3.19 -21.82 -10.56
N VAL B 26 -4.45 -21.43 -10.68
CA VAL B 26 -5.58 -22.31 -10.35
C VAL B 26 -6.63 -22.14 -11.45
N ASP B 27 -7.77 -22.79 -11.34
CA ASP B 27 -8.81 -22.55 -12.33
C ASP B 27 -9.26 -21.09 -12.24
N GLY B 28 -9.39 -20.44 -13.38
CA GLY B 28 -9.66 -19.02 -13.45
C GLY B 28 -8.39 -18.18 -13.59
N SER B 29 -7.23 -18.75 -13.30
CA SER B 29 -5.96 -18.02 -13.57
C SER B 29 -5.81 -17.77 -15.08
N PHE B 30 -5.19 -16.64 -15.44
CA PHE B 30 -4.96 -16.32 -16.81
C PHE B 30 -3.79 -15.33 -16.96
N LEU B 31 -3.22 -15.31 -18.16
CA LEU B 31 -2.24 -14.31 -18.58
C LEU B 31 -2.42 -14.01 -20.07
N ALA B 32 -1.77 -12.96 -20.56
CA ALA B 32 -1.70 -12.71 -21.97
C ALA B 32 -0.22 -12.59 -22.39
N ARG B 33 0.03 -12.77 -23.68
CA ARG B 33 1.38 -12.84 -24.21
C ARG B 33 1.35 -12.56 -25.72
N PRO B 34 2.51 -12.16 -26.27
CA PRO B 34 2.64 -12.05 -27.71
C PRO B 34 2.65 -13.47 -28.30
N SER B 35 2.14 -13.61 -29.51
CA SER B 35 2.06 -14.92 -30.16
C SER B 35 3.31 -15.15 -31.01
N LYS B 36 4.00 -16.26 -30.79
CA LYS B 36 5.15 -16.64 -31.61
C LYS B 36 4.65 -17.22 -32.93
N SER B 37 3.47 -17.84 -32.91
CA SER B 37 2.79 -18.31 -34.13
C SER B 37 2.75 -17.17 -35.17
N ASN B 38 1.98 -16.14 -34.85
CA ASN B 38 1.74 -15.03 -35.75
C ASN B 38 2.17 -13.72 -35.07
N PRO B 39 3.46 -13.34 -35.25
CA PRO B 39 3.93 -12.05 -34.72
C PRO B 39 2.98 -10.90 -35.10
N GLY B 40 2.85 -9.92 -34.21
CA GLY B 40 1.83 -8.90 -34.35
C GLY B 40 0.55 -9.24 -33.60
N ASP B 41 0.34 -10.52 -33.28
CA ASP B 41 -0.88 -10.92 -32.58
C ASP B 41 -0.61 -11.37 -31.16
N PHE B 42 -1.66 -11.87 -30.49
CA PHE B 42 -1.60 -12.09 -29.06
C PHE B 42 -2.45 -13.30 -28.68
N THR B 43 -2.19 -13.78 -27.49
CA THR B 43 -2.83 -14.97 -27.01
C THR B 43 -3.24 -14.75 -25.54
N LEU B 44 -4.42 -15.23 -25.21
CA LEU B 44 -4.95 -15.21 -23.87
C LEU B 44 -4.95 -16.65 -23.37
N SER B 45 -4.06 -16.96 -22.42
CA SER B 45 -3.96 -18.31 -21.89
C SER B 45 -4.71 -18.39 -20.54
N VAL B 46 -5.60 -19.36 -20.44
CA VAL B 46 -6.55 -19.44 -19.33
C VAL B 46 -6.57 -20.86 -18.81
N ARG B 47 -6.52 -21.02 -17.48
CA ARG B 47 -6.66 -22.31 -16.84
C ARG B 47 -8.11 -22.55 -16.44
N ARG B 48 -8.59 -23.75 -16.73
CA ARG B 48 -9.95 -24.14 -16.40
C ARG B 48 -10.01 -25.68 -16.45
N ASN B 49 -10.58 -26.26 -15.39
CA ASN B 49 -10.70 -27.71 -15.18
C ASN B 49 -9.32 -28.39 -15.06
N GLY B 50 -8.27 -27.63 -14.74
CA GLY B 50 -6.89 -28.18 -14.65
C GLY B 50 -6.23 -28.37 -16.01
N ALA B 51 -6.69 -27.66 -17.04
CA ALA B 51 -6.06 -27.67 -18.37
C ALA B 51 -5.91 -26.22 -18.84
N VAL B 52 -5.07 -26.00 -19.84
CA VAL B 52 -4.83 -24.66 -20.33
C VAL B 52 -5.42 -24.54 -21.74
N THR B 53 -6.22 -23.50 -21.95
CA THR B 53 -6.76 -23.17 -23.25
C THR B 53 -6.19 -21.82 -23.69
N HIS B 54 -5.85 -21.76 -24.97
CA HIS B 54 -5.25 -20.58 -25.56
C HIS B 54 -6.27 -19.96 -26.52
N ILE B 55 -6.58 -18.70 -26.30
CA ILE B 55 -7.52 -17.98 -27.15
C ILE B 55 -6.76 -16.87 -27.87
N LYS B 56 -6.93 -16.81 -29.19
CA LYS B 56 -6.21 -15.90 -30.04
C LYS B 56 -6.85 -14.51 -30.00
N ILE B 57 -5.99 -13.50 -30.07
CA ILE B 57 -6.36 -12.10 -30.18
C ILE B 57 -5.56 -11.52 -31.34
N GLN B 58 -6.25 -11.02 -32.33
CA GLN B 58 -5.64 -10.48 -33.54
C GLN B 58 -5.76 -8.96 -33.50
N ASN B 59 -4.69 -8.25 -33.85
CA ASN B 59 -4.77 -6.85 -34.11
C ASN B 59 -4.11 -6.60 -35.46
N THR B 60 -4.92 -6.27 -36.47
CA THR B 60 -4.37 -5.97 -37.81
C THR B 60 -4.22 -4.45 -37.96
N GLY B 61 -4.51 -3.69 -36.92
CA GLY B 61 -4.28 -2.25 -36.98
C GLY B 61 -5.52 -1.44 -36.62
N ASP B 62 -6.69 -2.05 -36.55
CA ASP B 62 -7.89 -1.27 -36.23
C ASP B 62 -8.44 -1.45 -34.84
N TYR B 63 -8.19 -2.62 -34.23
CA TYR B 63 -8.70 -2.95 -32.91
C TYR B 63 -8.20 -4.35 -32.55
N TYR B 64 -8.35 -4.69 -31.29
CA TYR B 64 -8.06 -6.05 -30.79
C TYR B 64 -9.31 -6.90 -30.91
N ASP B 65 -9.19 -8.05 -31.56
CA ASP B 65 -10.31 -8.86 -31.96
C ASP B 65 -10.11 -10.19 -31.26
N LEU B 66 -10.89 -10.41 -30.20
CA LEU B 66 -10.76 -11.63 -29.45
C LEU B 66 -11.57 -12.71 -30.19
N TYR B 67 -10.93 -13.85 -30.41
CA TYR B 67 -11.55 -14.90 -31.18
C TYR B 67 -12.71 -15.51 -30.39
N GLY B 68 -13.92 -15.49 -30.96
CA GLY B 68 -15.10 -15.98 -30.29
C GLY B 68 -15.63 -15.02 -29.24
N GLY B 69 -15.06 -13.82 -29.17
CA GLY B 69 -15.53 -12.76 -28.30
C GLY B 69 -15.68 -11.46 -29.07
N GLU B 70 -15.38 -10.35 -28.41
CA GLU B 70 -15.70 -9.04 -28.90
C GLU B 70 -14.40 -8.31 -29.26
N LYS B 71 -14.56 -7.07 -29.71
CA LYS B 71 -13.47 -6.23 -30.16
C LYS B 71 -13.22 -5.14 -29.10
N PHE B 72 -11.96 -4.77 -28.89
CA PHE B 72 -11.54 -3.88 -27.80
C PHE B 72 -10.48 -2.90 -28.29
N ALA B 73 -10.40 -1.76 -27.63
CA ALA B 73 -9.41 -0.70 -28.00
C ALA B 73 -8.03 -1.00 -27.39
N THR B 74 -7.95 -1.75 -26.28
CA THR B 74 -6.71 -2.15 -25.62
C THR B 74 -6.88 -3.49 -24.90
N LEU B 75 -5.76 -4.12 -24.57
CA LEU B 75 -5.81 -5.38 -23.86
C LEU B 75 -6.28 -5.12 -22.43
N ALA B 76 -5.91 -3.98 -21.82
CA ALA B 76 -6.37 -3.69 -20.46
C ALA B 76 -7.91 -3.56 -20.46
N GLU B 77 -8.46 -2.86 -21.46
CA GLU B 77 -9.93 -2.73 -21.55
C GLU B 77 -10.57 -4.11 -21.74
N LEU B 78 -9.92 -5.02 -22.47
CA LEU B 78 -10.45 -6.39 -22.71
C LEU B 78 -10.55 -7.20 -21.41
N VAL B 79 -9.46 -7.22 -20.64
CA VAL B 79 -9.37 -7.93 -19.37
C VAL B 79 -10.34 -7.29 -18.36
N GLN B 80 -10.41 -5.96 -18.31
CA GLN B 80 -11.33 -5.26 -17.39
C GLN B 80 -12.74 -5.80 -17.63
N TYR B 81 -13.12 -5.80 -18.90
CA TYR B 81 -14.46 -6.12 -19.34
C TYR B 81 -14.86 -7.52 -18.85
N TYR B 82 -14.03 -8.51 -19.17
CA TYR B 82 -14.34 -9.91 -18.86
C TYR B 82 -14.15 -10.23 -17.38
N MET B 83 -13.28 -9.53 -16.66
CA MET B 83 -13.13 -9.76 -15.22
C MET B 83 -14.38 -9.26 -14.45
N GLU B 84 -15.23 -8.46 -15.09
CA GLU B 84 -16.52 -8.02 -14.51
C GLU B 84 -17.67 -8.87 -15.06
N HIS B 85 -17.71 -9.04 -16.38
CA HIS B 85 -18.73 -9.86 -17.03
C HIS B 85 -18.31 -11.34 -17.03
N HIS B 86 -18.40 -11.98 -15.87
CA HIS B 86 -18.26 -13.44 -15.83
C HIS B 86 -19.37 -14.05 -16.68
N GLY B 87 -19.04 -15.12 -17.40
CA GLY B 87 -19.98 -15.76 -18.32
C GLY B 87 -19.90 -15.22 -19.73
N GLN B 88 -19.40 -13.99 -19.90
CA GLN B 88 -19.38 -13.32 -21.21
C GLN B 88 -18.35 -13.97 -22.14
N LEU B 89 -17.21 -14.42 -21.62
CA LEU B 89 -16.20 -15.07 -22.47
C LEU B 89 -16.55 -16.55 -22.67
N LYS B 90 -16.66 -16.92 -23.93
CA LYS B 90 -16.90 -18.30 -24.33
C LYS B 90 -16.03 -18.59 -25.55
N GLU B 91 -15.41 -19.76 -25.62
CA GLU B 91 -14.83 -20.18 -26.90
C GLU B 91 -15.96 -20.75 -27.74
N LYS B 92 -15.75 -20.88 -29.05
CA LYS B 92 -16.85 -21.11 -30.00
C LYS B 92 -17.42 -22.53 -29.87
N ASN B 93 -16.93 -23.34 -28.91
CA ASN B 93 -17.69 -24.51 -28.46
C ASN B 93 -18.88 -24.05 -27.61
N GLY B 94 -18.85 -22.79 -27.16
CA GLY B 94 -19.96 -22.17 -26.44
C GLY B 94 -19.71 -22.11 -24.94
N ASP B 95 -18.92 -23.06 -24.40
CA ASP B 95 -18.62 -23.13 -22.97
C ASP B 95 -18.02 -21.81 -22.47
N VAL B 96 -18.42 -21.38 -21.28
CA VAL B 96 -17.97 -20.10 -20.72
C VAL B 96 -16.60 -20.31 -20.07
N ILE B 97 -15.77 -19.28 -20.17
CA ILE B 97 -14.43 -19.26 -19.66
C ILE B 97 -14.33 -18.09 -18.68
N GLU B 98 -13.94 -18.37 -17.44
CA GLU B 98 -13.93 -17.34 -16.39
C GLU B 98 -12.51 -16.77 -16.27
N LEU B 99 -12.35 -15.47 -16.49
CA LEU B 99 -11.08 -14.80 -16.17
C LEU B 99 -11.16 -14.25 -14.74
N LYS B 100 -10.56 -14.97 -13.80
CA LYS B 100 -10.70 -14.63 -12.39
C LYS B 100 -9.38 -14.09 -11.80
N TYR B 101 -8.24 -14.75 -12.08
CA TYR B 101 -7.00 -14.55 -11.31
C TYR B 101 -5.81 -14.20 -12.22
N PRO B 102 -5.48 -12.90 -12.38
CA PRO B 102 -4.30 -12.60 -13.17
C PRO B 102 -3.08 -13.26 -12.55
N LEU B 103 -2.25 -13.87 -13.39
CA LEU B 103 -1.01 -14.47 -12.98
C LEU B 103 0.10 -13.49 -13.37
N ASN B 104 0.78 -12.96 -12.37
CA ASN B 104 1.64 -11.80 -12.52
C ASN B 104 2.99 -12.22 -13.09
N CYS B 105 3.49 -11.37 -13.97
CA CYS B 105 4.80 -11.47 -14.58
C CYS B 105 5.84 -10.78 -13.69
N ALA B 106 6.97 -11.43 -13.45
CA ALA B 106 8.07 -10.83 -12.67
C ALA B 106 9.09 -10.13 -13.59
N ASP B 107 8.96 -10.28 -14.92
CA ASP B 107 9.92 -9.72 -15.89
C ASP B 107 9.81 -8.18 -15.92
N PRO B 108 10.91 -7.47 -15.62
CA PRO B 108 10.88 -6.01 -15.61
C PRO B 108 11.27 -5.32 -16.93
N THR B 109 11.30 -6.03 -18.06
CA THR B 109 11.82 -5.47 -19.31
C THR B 109 10.93 -4.35 -19.86
N SER B 110 9.64 -4.35 -19.56
CA SER B 110 8.72 -3.36 -20.12
C SER B 110 8.42 -2.27 -19.10
N GLU B 111 9.20 -2.21 -18.02
CA GLU B 111 9.09 -1.12 -17.07
C GLU B 111 9.91 0.07 -17.61
N ARG B 112 9.36 1.27 -17.44
CA ARG B 112 9.98 2.50 -17.95
C ARG B 112 11.34 2.69 -17.27
N TRP B 113 11.44 2.26 -16.01
CA TRP B 113 12.64 2.53 -15.17
C TRP B 113 13.70 1.44 -15.35
N PHE B 114 13.43 0.43 -16.16
CA PHE B 114 14.36 -0.68 -16.25
C PHE B 114 15.26 -0.53 -17.47
N HIS B 115 16.56 -0.49 -17.19
CA HIS B 115 17.62 -0.39 -18.20
C HIS B 115 18.66 -1.46 -17.92
N GLY B 116 18.36 -2.70 -18.31
CA GLY B 116 19.20 -3.86 -17.95
C GLY B 116 20.67 -3.59 -18.15
N HIS B 117 21.18 -3.86 -19.35
CA HIS B 117 22.59 -3.60 -19.67
C HIS B 117 22.80 -2.08 -19.76
N LEU B 118 23.39 -1.53 -18.70
CA LEU B 118 23.63 -0.08 -18.57
C LEU B 118 24.65 0.13 -17.45
N SER B 119 25.83 0.62 -17.80
CA SER B 119 26.94 0.66 -16.85
C SER B 119 26.69 1.70 -15.75
N GLY B 120 27.45 1.58 -14.66
CA GLY B 120 27.44 2.57 -13.59
C GLY B 120 27.75 3.97 -14.10
N LYS B 121 28.69 4.06 -15.04
CA LYS B 121 29.13 5.36 -15.57
C LYS B 121 28.04 5.96 -16.45
N GLU B 122 27.54 5.17 -17.40
CA GLU B 122 26.53 5.64 -18.37
C GLU B 122 25.22 5.98 -17.65
N ALA B 123 24.91 5.30 -16.55
CA ALA B 123 23.72 5.62 -15.75
C ALA B 123 23.93 6.95 -15.03
N GLU B 124 25.14 7.18 -14.54
CA GLU B 124 25.45 8.45 -13.90
C GLU B 124 25.32 9.58 -14.93
N LYS B 125 25.90 9.38 -16.11
CA LYS B 125 25.87 10.37 -17.21
C LYS B 125 24.42 10.72 -17.55
N LEU B 126 23.62 9.70 -17.88
CA LEU B 126 22.21 9.88 -18.28
C LEU B 126 21.49 10.70 -17.20
N LEU B 127 21.49 10.20 -15.96
CA LEU B 127 20.82 10.87 -14.83
C LEU B 127 21.31 12.31 -14.69
N THR B 128 22.59 12.56 -14.96
CA THR B 128 23.17 13.92 -14.79
C THR B 128 22.57 14.90 -15.80
N GLU B 129 22.25 14.43 -17.00
CA GLU B 129 21.83 15.30 -18.11
C GLU B 129 20.30 15.33 -18.22
N LYS B 130 19.69 14.15 -18.29
CA LYS B 130 18.28 14.02 -18.64
C LYS B 130 17.39 14.11 -17.40
N GLY B 131 17.95 13.93 -16.20
CA GLY B 131 17.12 13.71 -15.02
C GLY B 131 17.01 14.94 -14.13
N LYS B 132 16.12 14.84 -13.15
CA LYS B 132 15.85 15.92 -12.20
C LYS B 132 15.67 15.26 -10.83
N HIS B 133 15.26 16.02 -9.81
CA HIS B 133 15.03 15.41 -8.51
C HIS B 133 14.02 14.26 -8.66
N GLY B 134 14.37 13.10 -8.11
CA GLY B 134 13.48 11.97 -8.10
C GLY B 134 13.66 11.03 -9.29
N SER B 135 14.52 11.37 -10.27
CA SER B 135 14.61 10.55 -11.49
C SER B 135 15.42 9.28 -11.19
N PHE B 136 14.92 8.11 -11.59
CA PHE B 136 15.61 6.89 -11.19
C PHE B 136 15.61 5.88 -12.32
N LEU B 137 16.45 4.87 -12.15
CA LEU B 137 16.53 3.74 -13.02
C LEU B 137 17.07 2.55 -12.21
N VAL B 138 16.85 1.38 -12.77
CA VAL B 138 17.38 0.13 -12.27
C VAL B 138 18.23 -0.47 -13.39
N ARG B 139 19.41 -0.98 -13.04
CA ARG B 139 20.37 -1.52 -13.99
C ARG B 139 20.94 -2.82 -13.41
N GLU B 140 21.32 -3.75 -14.29
CA GLU B 140 22.04 -4.98 -13.90
C GLU B 140 23.43 -4.59 -13.35
N SER B 141 23.79 -5.14 -12.19
CA SER B 141 25.11 -4.92 -11.61
C SER B 141 26.16 -5.59 -12.50
N GLN B 142 27.33 -4.96 -12.61
CA GLN B 142 28.47 -5.49 -13.36
C GLN B 142 29.55 -5.98 -12.39
N SER B 143 29.47 -5.58 -11.11
CA SER B 143 30.29 -6.19 -10.06
C SER B 143 29.79 -7.60 -9.75
N HIS B 144 28.50 -7.71 -9.39
CA HIS B 144 27.89 -8.97 -8.96
C HIS B 144 26.82 -9.39 -9.98
N PRO B 145 27.13 -10.40 -10.84
CA PRO B 145 26.14 -10.83 -11.83
C PRO B 145 24.88 -11.43 -11.19
N GLY B 146 23.73 -11.16 -11.80
CA GLY B 146 22.43 -11.58 -11.25
C GLY B 146 21.83 -10.53 -10.32
N ASP B 147 22.67 -9.66 -9.75
CA ASP B 147 22.21 -8.56 -8.89
C ASP B 147 21.85 -7.32 -9.71
N PHE B 148 21.32 -6.30 -9.04
CA PHE B 148 20.88 -5.09 -9.72
C PHE B 148 21.30 -3.87 -8.91
N VAL B 149 21.17 -2.68 -9.52
CA VAL B 149 21.47 -1.44 -8.85
C VAL B 149 20.35 -0.44 -9.16
N LEU B 150 19.87 0.23 -8.13
CA LEU B 150 18.92 1.32 -8.29
C LEU B 150 19.70 2.63 -8.20
N SER B 151 19.63 3.45 -9.25
CA SER B 151 20.29 4.74 -9.27
C SER B 151 19.25 5.86 -9.19
N VAL B 152 19.47 6.80 -8.28
CA VAL B 152 18.48 7.83 -7.98
C VAL B 152 19.20 9.18 -7.90
N ARG B 153 18.56 10.19 -8.49
CA ARG B 153 19.02 11.57 -8.46
C ARG B 153 18.19 12.34 -7.42
N THR B 154 18.87 13.12 -6.58
CA THR B 154 18.26 13.77 -5.42
C THR B 154 18.83 15.19 -5.26
N GLY B 155 18.06 16.20 -5.67
CA GLY B 155 18.39 17.60 -5.40
C GLY B 155 17.75 18.56 -6.39
N ASP B 156 17.99 19.86 -6.21
CA ASP B 156 17.25 20.95 -6.89
C ASP B 156 17.23 20.99 -8.42
N ASP B 157 16.15 21.56 -8.96
CA ASP B 157 16.07 21.94 -10.39
C ASP B 157 16.18 20.73 -11.33
N ASN B 162 26.67 22.91 -12.34
CA ASN B 162 26.85 21.75 -11.47
C ASN B 162 27.40 22.24 -10.13
N ASP B 163 26.49 22.54 -9.22
CA ASP B 163 26.81 23.22 -7.96
C ASP B 163 26.88 22.29 -6.74
N GLY B 164 26.65 20.98 -6.96
CA GLY B 164 26.69 19.98 -5.88
C GLY B 164 25.42 19.95 -5.05
N LYS B 165 24.39 20.67 -5.50
CA LYS B 165 23.10 20.71 -4.81
C LYS B 165 22.31 19.45 -5.16
N SER B 166 22.64 18.85 -6.31
CA SER B 166 22.14 17.53 -6.69
C SER B 166 23.21 16.47 -6.38
N LYS B 167 22.76 15.22 -6.28
CA LYS B 167 23.63 14.05 -6.24
C LYS B 167 22.93 12.84 -6.86
N VAL B 168 23.71 11.83 -7.20
CA VAL B 168 23.19 10.56 -7.68
C VAL B 168 23.64 9.47 -6.70
N THR B 169 22.69 8.67 -6.23
CA THR B 169 22.92 7.67 -5.21
C THR B 169 22.63 6.29 -5.81
N HIS B 170 23.51 5.31 -5.56
CA HIS B 170 23.29 3.94 -6.05
C HIS B 170 22.97 3.02 -4.88
N VAL B 171 21.94 2.20 -5.03
CA VAL B 171 21.52 1.26 -3.99
C VAL B 171 21.59 -0.16 -4.55
N MET B 172 22.37 -1.01 -3.92
CA MET B 172 22.55 -2.38 -4.39
C MET B 172 21.29 -3.20 -4.07
N ILE B 173 20.79 -3.88 -5.10
CA ILE B 173 19.66 -4.78 -4.93
C ILE B 173 20.20 -6.20 -5.08
N ARG B 174 20.09 -6.96 -4.02
CA ARG B 174 20.60 -8.30 -4.06
C ARG B 174 19.49 -9.22 -4.59
N CYS B 175 19.91 -10.19 -5.37
CA CYS B 175 19.07 -11.27 -5.79
C CYS B 175 19.54 -12.54 -5.08
N GLN B 176 18.73 -12.99 -4.12
CA GLN B 176 19.02 -14.17 -3.31
C GLN B 176 17.83 -15.13 -3.40
N GLU B 177 18.05 -16.31 -3.98
CA GLU B 177 17.02 -17.34 -4.11
C GLU B 177 15.79 -16.77 -4.81
N LEU B 178 16.05 -16.01 -5.87
CA LEU B 178 15.03 -15.47 -6.79
C LEU B 178 14.17 -14.36 -6.15
N LYS B 179 14.47 -13.95 -4.92
CA LYS B 179 13.80 -12.80 -4.33
C LYS B 179 14.79 -11.64 -4.27
N TYR B 180 14.26 -10.42 -4.21
CA TYR B 180 15.07 -9.21 -4.32
C TYR B 180 14.97 -8.41 -3.02
N ASP B 181 16.09 -7.81 -2.63
CA ASP B 181 16.09 -6.95 -1.46
C ASP B 181 17.25 -5.95 -1.50
N VAL B 182 17.20 -4.98 -0.60
CA VAL B 182 18.20 -3.89 -0.57
C VAL B 182 19.14 -4.04 0.63
N GLY B 183 19.28 -5.25 1.17
CA GLY B 183 20.26 -5.52 2.23
C GLY B 183 19.58 -5.81 3.56
N GLY B 184 18.33 -5.40 3.71
CA GLY B 184 17.54 -5.68 4.91
C GLY B 184 16.05 -5.46 4.67
N GLY B 185 15.22 -5.95 5.57
CA GLY B 185 13.75 -5.73 5.48
C GLY B 185 13.04 -6.82 4.69
N GLU B 186 12.09 -6.42 3.87
CA GLU B 186 11.27 -7.34 3.10
C GLU B 186 12.07 -7.91 1.93
N ARG B 187 11.76 -9.13 1.54
CA ARG B 187 12.28 -9.74 0.32
C ARG B 187 11.15 -9.80 -0.70
N PHE B 188 11.37 -9.25 -1.90
CA PHE B 188 10.31 -9.04 -2.90
C PHE B 188 10.39 -10.13 -3.97
N ASP B 189 9.25 -10.44 -4.57
CA ASP B 189 9.27 -11.51 -5.58
C ASP B 189 9.69 -11.02 -6.96
N SER B 190 9.70 -9.69 -7.12
CA SER B 190 10.12 -9.08 -8.37
C SER B 190 10.63 -7.67 -8.10
N LEU B 191 11.39 -7.15 -9.07
CA LEU B 191 11.91 -5.79 -9.01
C LEU B 191 10.76 -4.77 -9.01
N THR B 192 9.71 -5.04 -9.78
CA THR B 192 8.53 -4.18 -9.79
C THR B 192 7.94 -4.05 -8.37
N ASP B 193 7.81 -5.17 -7.67
CA ASP B 193 7.32 -5.14 -6.30
C ASP B 193 8.24 -4.31 -5.39
N LEU B 194 9.53 -4.56 -5.46
CA LEU B 194 10.52 -3.79 -4.69
C LEU B 194 10.36 -2.28 -5.01
N VAL B 195 10.33 -1.93 -6.30
CA VAL B 195 10.26 -0.52 -6.78
C VAL B 195 8.98 0.13 -6.26
N GLU B 196 7.85 -0.54 -6.47
CA GLU B 196 6.56 -0.03 -5.98
C GLU B 196 6.63 0.23 -4.46
N HIS B 197 7.22 -0.69 -3.68
CA HIS B 197 7.26 -0.52 -2.24
C HIS B 197 8.10 0.72 -1.88
N TYR B 198 9.25 0.89 -2.55
CA TYR B 198 10.15 1.98 -2.17
C TYR B 198 9.69 3.28 -2.82
N LYS B 199 8.79 3.19 -3.80
CA LYS B 199 8.03 4.36 -4.30
C LYS B 199 7.08 4.90 -3.23
N LYS B 200 6.38 4.00 -2.54
CA LYS B 200 5.42 4.38 -1.49
C LYS B 200 6.19 4.66 -0.18
N ASN B 201 7.22 3.87 0.10
CA ASN B 201 7.94 3.96 1.36
C ASN B 201 9.40 4.35 1.07
N PRO B 202 9.64 5.62 0.65
CA PRO B 202 10.98 6.16 0.41
C PRO B 202 12.04 5.71 1.42
N MET B 203 13.21 5.28 0.93
CA MET B 203 14.38 5.08 1.79
C MET B 203 14.89 6.44 2.28
N VAL B 204 15.42 6.45 3.50
CA VAL B 204 16.00 7.65 4.07
C VAL B 204 17.47 7.34 4.38
N GLU B 205 18.39 8.15 3.87
CA GLU B 205 19.81 8.06 4.26
C GLU B 205 19.93 8.50 5.73
N THR B 206 20.94 8.00 6.44
CA THR B 206 21.01 8.21 7.88
C THR B 206 21.12 9.72 8.18
N LEU B 207 21.55 10.52 7.21
CA LEU B 207 21.72 11.97 7.44
C LEU B 207 20.50 12.73 6.89
N GLY B 208 19.43 12.01 6.59
CA GLY B 208 18.10 12.61 6.39
C GLY B 208 17.66 12.66 4.94
N THR B 209 18.55 12.44 3.98
CA THR B 209 18.15 12.59 2.58
C THR B 209 17.19 11.45 2.18
N VAL B 210 15.99 11.85 1.78
CA VAL B 210 14.96 10.91 1.37
C VAL B 210 15.16 10.61 -0.12
N LEU B 211 15.44 9.36 -0.43
CA LEU B 211 15.59 8.89 -1.82
C LEU B 211 14.21 8.60 -2.41
N GLN B 212 13.62 9.64 -2.99
CA GLN B 212 12.26 9.63 -3.54
C GLN B 212 12.29 9.10 -4.97
N LEU B 213 11.47 8.08 -5.27
CA LEU B 213 11.38 7.57 -6.64
C LEU B 213 10.20 8.24 -7.35
N LYS B 214 10.44 9.45 -7.85
CA LYS B 214 9.38 10.30 -8.38
C LYS B 214 9.05 9.91 -9.82
N GLN B 215 10.00 9.92 -10.74
CA GLN B 215 9.71 9.52 -12.14
C GLN B 215 10.88 8.75 -12.75
N PRO B 216 10.58 7.81 -13.65
CA PRO B 216 11.62 7.03 -14.33
C PRO B 216 12.44 7.94 -15.25
N LEU B 217 13.69 7.56 -15.53
CA LEU B 217 14.52 8.39 -16.38
C LEU B 217 14.01 8.34 -17.83
N ASN B 218 13.91 9.50 -18.43
CA ASN B 218 13.42 9.61 -19.79
C ASN B 218 14.57 9.40 -20.79
N THR B 219 14.48 8.32 -21.57
CA THR B 219 15.49 8.00 -22.61
C THR B 219 14.86 8.08 -24.01
N THR B 220 13.56 8.40 -24.12
CA THR B 220 12.90 8.38 -25.41
C THR B 220 12.84 9.79 -26.00
N ARG B 221 12.91 10.85 -25.18
CA ARG B 221 12.96 12.21 -25.71
C ARG B 221 14.24 12.29 -26.53
N ILE B 222 14.16 12.82 -27.75
CA ILE B 222 15.39 13.11 -28.50
C ILE B 222 15.23 14.46 -29.22
N ASN B 223 16.37 15.05 -29.57
CA ASN B 223 16.43 16.18 -30.46
C ASN B 223 16.10 15.69 -31.88
N ALA B 224 15.35 16.49 -32.62
CA ALA B 224 14.88 16.10 -33.96
C ALA B 224 16.05 15.74 -34.89
N ALA B 225 17.21 16.35 -34.69
CA ALA B 225 18.38 16.11 -35.56
C ALA B 225 19.04 14.75 -35.26
N GLU B 226 18.65 14.10 -34.17
CA GLU B 226 19.17 12.77 -33.80
C GLU B 226 18.22 11.65 -34.25
N ILE B 227 17.11 11.97 -34.92
CA ILE B 227 16.12 10.92 -35.24
C ILE B 227 16.77 9.83 -36.09
N GLU B 228 17.70 10.16 -37.00
CA GLU B 228 18.27 9.14 -37.90
C GLU B 228 19.04 8.09 -37.09
N SER B 229 19.85 8.54 -36.13
CA SER B 229 20.62 7.60 -35.28
C SER B 229 19.70 6.83 -34.33
N ARG B 230 18.57 7.42 -33.92
CA ARG B 230 17.65 6.73 -33.02
C ARG B 230 16.94 5.62 -33.78
N VAL B 231 16.48 5.92 -34.98
CA VAL B 231 15.80 4.93 -35.84
C VAL B 231 16.78 3.78 -36.10
N ARG B 232 18.05 4.10 -36.34
CA ARG B 232 19.13 3.11 -36.56
C ARG B 232 19.24 2.16 -35.35
N GLU B 233 19.27 2.68 -34.12
CA GLU B 233 19.33 1.85 -32.89
C GLU B 233 18.10 0.93 -32.82
N LEU B 234 16.92 1.53 -32.97
CA LEU B 234 15.65 0.80 -32.84
C LEU B 234 15.47 -0.19 -34.00
N SER B 235 16.19 -0.01 -35.11
CA SER B 235 16.01 -0.84 -36.28
C SER B 235 16.78 -2.17 -36.15
N LYS B 236 17.54 -2.33 -35.08
CA LYS B 236 18.20 -3.61 -34.80
C LYS B 236 18.03 -3.97 -33.32
N GLY B 247 14.98 -2.49 -29.71
CA GLY B 247 14.25 -2.38 -30.94
C GLY B 247 12.92 -1.65 -30.76
N PHE B 248 12.27 -1.41 -31.88
CA PHE B 248 10.94 -0.87 -31.91
C PHE B 248 9.98 -1.74 -31.09
N TRP B 249 10.11 -3.06 -31.17
CA TRP B 249 9.19 -3.92 -30.45
C TRP B 249 9.22 -3.57 -28.95
N GLU B 250 10.42 -3.48 -28.38
CA GLU B 250 10.60 -3.35 -26.92
C GLU B 250 10.12 -1.97 -26.44
N GLU B 251 10.46 -0.93 -27.19
CA GLU B 251 10.03 0.41 -26.82
C GLU B 251 8.49 0.47 -26.77
N PHE B 252 7.85 -0.19 -27.73
CA PHE B 252 6.39 -0.16 -27.88
C PHE B 252 5.73 -0.94 -26.72
N GLU B 253 6.32 -2.06 -26.31
CA GLU B 253 5.72 -2.83 -25.22
C GLU B 253 5.80 -2.06 -23.90
N THR B 254 6.83 -1.24 -23.68
CA THR B 254 6.90 -0.42 -22.46
C THR B 254 5.74 0.57 -22.45
N LEU B 255 5.45 1.09 -23.63
CA LEU B 255 4.32 2.03 -23.78
C LEU B 255 3.00 1.30 -23.47
N GLN B 256 2.85 0.10 -24.02
CA GLN B 256 1.61 -0.67 -23.80
C GLN B 256 1.39 -0.98 -22.30
N GLN B 257 2.45 -1.21 -21.50
CA GLN B 257 2.26 -1.53 -20.07
C GLN B 257 1.66 -0.33 -19.33
N GLN B 258 1.83 0.89 -19.84
CA GLN B 258 1.28 2.10 -19.23
C GLN B 258 -0.21 2.29 -19.58
N GLU B 259 -0.81 1.40 -20.35
CA GLU B 259 -2.21 1.65 -20.78
C GLU B 259 -3.19 1.35 -19.61
N CYS B 260 -2.73 0.62 -18.58
CA CYS B 260 -3.57 0.30 -17.40
C CYS B 260 -3.84 1.54 -16.54
N LYS B 261 -3.10 2.63 -16.76
CA LYS B 261 -3.40 3.92 -16.11
C LYS B 261 -4.48 4.69 -16.88
N LEU B 262 -4.98 4.16 -17.99
CA LEU B 262 -5.89 4.94 -18.85
C LEU B 262 -7.30 4.35 -18.86
N LEU B 263 -7.66 3.63 -17.81
CA LEU B 263 -8.97 2.99 -17.73
C LEU B 263 -10.01 4.00 -17.21
N TYR B 264 -10.22 5.06 -17.97
CA TYR B 264 -11.12 6.13 -17.57
C TYR B 264 -12.56 5.72 -17.92
N SER B 265 -13.52 6.38 -17.30
CA SER B 265 -14.92 5.98 -17.44
C SER B 265 -15.43 6.24 -18.87
N ARG B 266 -16.31 5.34 -19.33
CA ARG B 266 -16.92 5.41 -20.67
C ARG B 266 -18.44 5.14 -20.56
N LYS B 267 -19.05 5.64 -19.50
CA LYS B 267 -20.41 5.31 -19.10
C LYS B 267 -21.45 5.84 -20.10
N GLU B 268 -21.23 7.01 -20.69
CA GLU B 268 -22.21 7.57 -21.60
C GLU B 268 -22.36 6.63 -22.80
N GLY B 269 -21.26 6.08 -23.31
CA GLY B 269 -21.32 5.17 -24.43
C GLY B 269 -21.97 3.84 -24.11
N GLN B 270 -22.11 3.52 -22.83
CA GLN B 270 -22.63 2.23 -22.35
C GLN B 270 -24.15 2.29 -22.15
N ARG B 271 -24.72 3.48 -22.13
CA ARG B 271 -26.17 3.62 -21.93
C ARG B 271 -26.93 2.95 -23.09
N GLN B 272 -28.06 2.35 -22.75
CA GLN B 272 -28.90 1.60 -23.68
C GLN B 272 -29.19 2.44 -24.93
N GLU B 273 -29.50 3.72 -24.72
CA GLU B 273 -29.95 4.59 -25.82
C GLU B 273 -28.79 4.87 -26.78
N ASN B 274 -27.57 4.57 -26.37
CA ASN B 274 -26.38 4.94 -27.15
C ASN B 274 -25.72 3.70 -27.76
N LYS B 275 -26.17 2.48 -27.43
CA LYS B 275 -25.44 1.27 -27.78
C LYS B 275 -25.30 1.18 -29.30
N ASN B 276 -26.35 1.42 -30.04
CA ASN B 276 -26.27 1.19 -31.49
C ASN B 276 -25.77 2.44 -32.22
N LYS B 277 -25.18 3.39 -31.48
CA LYS B 277 -24.46 4.51 -32.10
C LYS B 277 -22.95 4.25 -32.12
N ASN B 278 -22.58 3.06 -31.67
CA ASN B 278 -21.18 2.64 -31.59
C ASN B 278 -20.97 1.55 -32.65
N ARG B 279 -19.92 1.70 -33.44
CA ARG B 279 -19.60 0.70 -34.44
C ARG B 279 -19.29 -0.61 -33.72
N TYR B 280 -18.51 -0.55 -32.63
CA TYR B 280 -18.25 -1.72 -31.80
C TYR B 280 -18.62 -1.42 -30.34
N LYS B 281 -19.45 -2.29 -29.76
CA LYS B 281 -20.10 -2.02 -28.47
C LYS B 281 -19.09 -1.69 -27.37
N ASN B 282 -17.85 -2.21 -27.47
CA ASN B 282 -16.90 -2.01 -26.38
C ASN B 282 -15.83 -0.98 -26.72
N ILE B 283 -15.88 -0.36 -27.89
CA ILE B 283 -14.91 0.71 -28.18
C ILE B 283 -15.62 2.07 -28.08
N LEU B 284 -15.39 2.77 -26.97
CA LEU B 284 -16.23 3.86 -26.55
C LEU B 284 -15.37 5.08 -26.23
N PRO B 285 -15.94 6.29 -26.36
CA PRO B 285 -15.28 7.53 -26.04
C PRO B 285 -15.25 7.75 -24.52
N PHE B 286 -14.13 8.28 -24.01
CA PHE B 286 -14.04 8.62 -22.60
C PHE B 286 -15.04 9.73 -22.30
N ASP B 287 -15.73 9.62 -21.16
CA ASP B 287 -16.67 10.66 -20.76
C ASP B 287 -16.00 12.04 -20.73
N HIS B 288 -14.80 12.12 -20.18
CA HIS B 288 -14.22 13.45 -19.86
C HIS B 288 -13.76 14.18 -21.13
N THR B 289 -13.57 13.49 -22.26
CA THR B 289 -13.22 14.20 -23.51
C THR B 289 -14.23 14.00 -24.63
N ARG B 290 -15.37 13.36 -24.39
CA ARG B 290 -16.24 13.06 -25.53
C ARG B 290 -16.78 14.37 -26.12
N VAL B 291 -17.07 14.36 -27.41
CA VAL B 291 -17.79 15.51 -27.97
C VAL B 291 -19.26 15.46 -27.51
N VAL B 292 -19.74 16.51 -26.84
CA VAL B 292 -21.12 16.59 -26.37
C VAL B 292 -21.92 17.43 -27.38
N LEU B 293 -22.97 16.83 -27.96
CA LEU B 293 -23.78 17.54 -28.95
C LEU B 293 -24.94 18.25 -28.26
N HIS B 294 -25.01 19.56 -28.47
CA HIS B 294 -26.00 20.38 -27.77
C HIS B 294 -27.21 20.61 -28.68
N ASP B 295 -28.22 21.24 -28.10
CA ASP B 295 -29.63 21.24 -28.58
C ASP B 295 -29.94 20.51 -29.89
N GLY B 296 -30.11 19.20 -29.78
CA GLY B 296 -30.75 18.41 -30.82
C GLY B 296 -32.26 18.39 -30.60
N ASP B 297 -32.93 17.51 -31.34
CA ASP B 297 -34.39 17.38 -31.23
C ASP B 297 -34.76 16.99 -29.77
N PRO B 298 -35.44 17.89 -29.03
CA PRO B 298 -35.80 17.58 -27.65
C PRO B 298 -36.86 16.46 -27.54
N ASN B 299 -37.31 15.93 -28.68
CA ASN B 299 -38.17 14.74 -28.72
C ASN B 299 -37.38 13.53 -28.20
N GLU B 300 -36.35 13.11 -28.92
CA GLU B 300 -35.62 11.88 -28.58
C GLU B 300 -34.76 12.13 -27.34
N PRO B 301 -34.96 11.33 -26.26
CA PRO B 301 -34.41 11.54 -24.91
C PRO B 301 -32.91 11.86 -24.91
N VAL B 302 -32.06 10.93 -25.33
CA VAL B 302 -30.62 11.20 -25.45
C VAL B 302 -30.34 11.66 -26.88
N SER B 303 -29.87 12.90 -27.04
CA SER B 303 -29.50 13.45 -28.35
C SER B 303 -28.10 14.07 -28.31
N ASP B 304 -27.34 13.80 -27.24
CA ASP B 304 -26.05 14.49 -27.02
C ASP B 304 -24.83 13.63 -27.32
N TYR B 305 -25.05 12.42 -27.83
CA TYR B 305 -24.00 11.40 -27.88
C TYR B 305 -23.54 11.14 -29.32
N ILE B 306 -22.22 11.14 -29.49
CA ILE B 306 -21.53 10.63 -30.66
C ILE B 306 -20.22 9.98 -30.17
N ASN B 307 -19.85 8.86 -30.77
CA ASN B 307 -18.62 8.18 -30.45
C ASN B 307 -17.44 8.98 -31.05
N ALA B 308 -17.00 9.98 -30.31
CA ALA B 308 -15.95 10.95 -30.73
C ALA B 308 -15.33 11.58 -29.48
N ASN B 309 -14.05 11.98 -29.59
CA ASN B 309 -13.32 12.67 -28.53
C ASN B 309 -12.51 13.83 -29.13
N ILE B 310 -12.47 14.88 -28.35
CA ILE B 310 -11.56 16.00 -28.57
C ILE B 310 -10.16 15.55 -28.19
N ILE B 311 -9.19 15.82 -29.08
CA ILE B 311 -7.79 15.58 -28.85
C ILE B 311 -7.08 16.94 -28.90
N MET B 312 -6.64 17.37 -27.73
CA MET B 312 -5.94 18.62 -27.54
C MET B 312 -4.51 18.27 -27.13
N PRO B 313 -3.52 18.56 -28.01
CA PRO B 313 -2.11 18.35 -27.70
C PRO B 313 -1.70 19.16 -26.45
N GLU B 314 -0.78 18.62 -25.65
CA GLU B 314 -0.37 19.24 -24.38
C GLU B 314 0.92 18.57 -23.89
N LYS B 325 -1.89 24.70 -30.89
CA LYS B 325 -3.07 25.50 -31.19
C LYS B 325 -4.05 24.64 -32.01
N LYS B 326 -3.53 23.79 -32.90
CA LYS B 326 -4.40 22.88 -33.69
C LYS B 326 -4.94 21.77 -32.79
N SER B 327 -6.24 21.53 -32.83
CA SER B 327 -6.78 20.39 -32.10
C SER B 327 -7.49 19.46 -33.10
N TYR B 328 -7.87 18.28 -32.60
CA TYR B 328 -8.49 17.26 -33.42
C TYR B 328 -9.78 16.78 -32.76
N ILE B 329 -10.63 16.21 -33.58
CA ILE B 329 -11.65 15.30 -33.11
C ILE B 329 -11.39 13.94 -33.79
N ALA B 330 -11.22 12.90 -32.98
CA ALA B 330 -11.05 11.54 -33.42
C ALA B 330 -12.37 10.82 -33.28
N THR B 331 -12.82 10.15 -34.33
CA THR B 331 -14.12 9.57 -34.31
C THR B 331 -14.10 8.34 -35.22
N GLN B 332 -15.17 7.61 -35.10
CA GLN B 332 -15.36 6.38 -35.83
C GLN B 332 -15.91 6.72 -37.21
N GLY B 333 -15.88 5.79 -38.14
CA GLY B 333 -16.67 5.94 -39.36
C GLY B 333 -18.16 5.92 -39.02
N CYS B 334 -18.97 6.60 -39.83
CA CYS B 334 -20.40 6.76 -39.58
C CYS B 334 -21.10 5.41 -39.61
N LEU B 335 -22.16 5.28 -38.81
CA LEU B 335 -23.19 4.30 -39.11
C LEU B 335 -24.34 5.02 -39.84
N GLN B 336 -25.15 4.30 -40.57
CA GLN B 336 -26.26 4.96 -41.28
C GLN B 336 -27.07 5.81 -40.27
N ASN B 337 -27.32 5.29 -39.06
CA ASN B 337 -28.06 6.03 -38.01
C ASN B 337 -27.17 7.09 -37.30
N THR B 338 -25.91 7.35 -37.67
CA THR B 338 -25.18 8.44 -36.98
C THR B 338 -24.71 9.52 -37.96
N VAL B 339 -25.11 9.44 -39.23
CA VAL B 339 -24.67 10.41 -40.24
C VAL B 339 -25.18 11.82 -39.86
N ASN B 340 -26.43 11.87 -39.35
CA ASN B 340 -27.00 13.16 -38.95
C ASN B 340 -26.24 13.75 -37.77
N ASP B 341 -25.86 12.92 -36.79
CA ASP B 341 -25.07 13.35 -35.65
C ASP B 341 -23.67 13.83 -36.05
N PHE B 342 -23.06 13.17 -37.01
CA PHE B 342 -21.77 13.55 -37.49
C PHE B 342 -21.79 15.01 -38.01
N TRP B 343 -22.78 15.34 -38.84
CA TRP B 343 -22.91 16.65 -39.40
C TRP B 343 -23.26 17.69 -38.31
N ARG B 344 -24.05 17.31 -37.31
CA ARG B 344 -24.31 18.19 -36.16
C ARG B 344 -23.00 18.54 -35.44
N MET B 345 -22.15 17.52 -35.29
CA MET B 345 -20.87 17.68 -34.66
C MET B 345 -19.94 18.60 -35.48
N VAL B 346 -19.82 18.38 -36.80
CA VAL B 346 -18.99 19.23 -37.67
C VAL B 346 -19.45 20.68 -37.55
N PHE B 347 -20.77 20.90 -37.57
CA PHE B 347 -21.33 22.23 -37.54
C PHE B 347 -21.05 22.90 -36.20
N GLN B 348 -21.37 22.22 -35.10
CA GLN B 348 -21.25 22.73 -33.75
C GLN B 348 -19.79 23.09 -33.42
N GLU B 349 -18.86 22.26 -33.85
CA GLU B 349 -17.45 22.45 -33.47
C GLU B 349 -16.77 23.43 -34.44
N ASN B 350 -17.49 23.92 -35.45
CA ASN B 350 -16.94 24.83 -36.45
C ASN B 350 -15.80 24.16 -37.23
N SER B 351 -15.81 22.83 -37.38
CA SER B 351 -14.75 22.15 -38.11
C SER B 351 -14.86 22.48 -39.60
N ARG B 352 -13.70 22.77 -40.21
CA ARG B 352 -13.61 23.13 -41.60
C ARG B 352 -12.80 22.11 -42.41
N VAL B 353 -12.21 21.09 -41.78
CA VAL B 353 -11.42 20.09 -42.46
C VAL B 353 -11.73 18.73 -41.85
N ILE B 354 -11.94 17.75 -42.70
CA ILE B 354 -12.21 16.32 -42.32
C ILE B 354 -11.14 15.49 -43.00
N VAL B 355 -10.54 14.53 -42.28
CA VAL B 355 -9.63 13.56 -42.83
C VAL B 355 -10.30 12.20 -42.65
N MET B 356 -10.52 11.48 -43.74
CA MET B 356 -10.96 10.10 -43.73
C MET B 356 -9.79 9.19 -44.04
N THR B 357 -9.56 8.16 -43.22
CA THR B 357 -8.33 7.39 -43.21
C THR B 357 -8.49 6.06 -43.97
N THR B 358 -9.70 5.73 -44.43
CA THR B 358 -9.93 4.47 -45.12
C THR B 358 -10.74 4.69 -46.40
N LYS B 359 -10.69 3.73 -47.31
CA LYS B 359 -11.70 3.66 -48.37
C LYS B 359 -13.06 3.32 -47.72
N GLU B 360 -14.15 3.55 -48.45
CA GLU B 360 -15.48 3.15 -47.95
C GLU B 360 -15.52 1.63 -47.72
N VAL B 361 -14.92 0.87 -48.63
CA VAL B 361 -14.83 -0.59 -48.49
C VAL B 361 -13.37 -1.04 -48.59
N GLU B 362 -12.94 -1.96 -47.72
CA GLU B 362 -11.59 -2.57 -47.82
C GLU B 362 -11.72 -4.08 -47.59
N ARG B 363 -11.02 -4.88 -48.41
CA ARG B 363 -11.10 -6.35 -48.28
C ARG B 363 -12.60 -6.74 -48.23
N GLY B 364 -13.40 -6.14 -49.10
CA GLY B 364 -14.84 -6.41 -49.20
C GLY B 364 -15.66 -6.05 -47.96
N LYS B 365 -15.16 -5.22 -47.05
CA LYS B 365 -15.94 -4.90 -45.85
C LYS B 365 -16.04 -3.37 -45.69
N SER B 366 -17.21 -2.94 -45.19
CA SER B 366 -17.55 -1.54 -45.01
C SER B 366 -16.76 -0.94 -43.85
N LYS B 367 -15.93 0.06 -44.15
CA LYS B 367 -15.03 0.66 -43.16
C LYS B 367 -15.43 2.12 -42.89
N CYS B 368 -16.10 2.75 -43.84
CA CYS B 368 -16.53 4.14 -43.68
C CYS B 368 -17.73 4.37 -44.62
N VAL B 369 -18.96 4.43 -44.08
CA VAL B 369 -20.13 4.60 -44.95
C VAL B 369 -20.17 6.05 -45.45
N LYS B 370 -20.72 6.20 -46.65
CA LYS B 370 -20.75 7.44 -47.37
C LYS B 370 -21.67 8.39 -46.63
N TYR B 371 -21.18 9.56 -46.26
CA TYR B 371 -22.01 10.50 -45.53
C TYR B 371 -22.07 11.84 -46.25
N TRP B 372 -21.67 11.87 -47.51
CA TRP B 372 -21.61 13.10 -48.32
C TRP B 372 -22.33 12.88 -49.65
N PRO B 373 -22.81 13.94 -50.27
CA PRO B 373 -23.43 13.84 -51.57
C PRO B 373 -22.48 13.53 -52.72
N ASP B 374 -23.02 12.99 -53.79
CA ASP B 374 -22.27 12.82 -55.06
C ASP B 374 -21.86 14.20 -55.53
N GLU B 375 -20.84 14.28 -56.39
CA GLU B 375 -20.38 15.58 -56.91
C GLU B 375 -21.53 16.36 -57.57
N TYR B 376 -21.67 17.62 -57.21
CA TYR B 376 -22.64 18.60 -57.75
C TYR B 376 -24.00 18.45 -57.04
N ALA B 377 -24.21 17.41 -56.25
CA ALA B 377 -25.51 17.18 -55.63
C ALA B 377 -25.57 17.90 -54.26
N LEU B 378 -26.78 17.94 -53.72
CA LEU B 378 -27.11 18.56 -52.44
C LEU B 378 -28.01 17.59 -51.68
N LYS B 379 -27.71 17.32 -50.42
CA LYS B 379 -28.50 16.38 -49.64
C LYS B 379 -28.79 17.05 -48.29
N GLU B 380 -29.95 16.74 -47.71
CA GLU B 380 -30.25 17.10 -46.34
C GLU B 380 -29.97 15.91 -45.42
N TYR B 381 -29.27 16.19 -44.32
CA TYR B 381 -28.97 15.24 -43.28
C TYR B 381 -29.61 15.74 -41.99
N GLY B 382 -30.87 15.38 -41.78
CA GLY B 382 -31.63 16.05 -40.73
C GLY B 382 -31.68 17.55 -40.97
N VAL B 383 -31.29 18.30 -39.95
CA VAL B 383 -31.34 19.79 -39.92
C VAL B 383 -30.16 20.41 -40.69
N MET B 384 -29.20 19.59 -41.14
CA MET B 384 -28.05 20.07 -41.88
C MET B 384 -28.24 19.78 -43.37
N ARG B 385 -27.68 20.64 -44.22
CA ARG B 385 -27.65 20.36 -45.64
C ARG B 385 -26.22 20.50 -46.13
N VAL B 386 -25.89 19.67 -47.11
CA VAL B 386 -24.56 19.63 -47.65
C VAL B 386 -24.62 19.60 -49.17
N ARG B 387 -23.85 20.48 -49.77
CA ARG B 387 -23.60 20.52 -51.17
C ARG B 387 -22.17 20.04 -51.43
N ASN B 388 -22.00 19.11 -52.36
CA ASN B 388 -20.66 18.68 -52.84
C ASN B 388 -20.34 19.54 -54.06
N VAL B 389 -19.53 20.60 -53.81
CA VAL B 389 -19.24 21.67 -54.71
C VAL B 389 -18.35 21.15 -55.85
N LYS B 390 -17.41 20.26 -55.53
CA LYS B 390 -16.35 19.88 -56.48
C LYS B 390 -15.41 18.88 -55.80
N GLU B 391 -15.08 17.80 -56.54
CA GLU B 391 -14.12 16.78 -56.17
C GLU B 391 -12.84 16.97 -57.00
N SER B 392 -11.71 16.80 -56.35
CA SER B 392 -10.40 16.84 -57.02
C SER B 392 -9.63 15.58 -56.62
N ALA B 393 -9.27 14.75 -57.59
CA ALA B 393 -8.59 13.49 -57.27
C ALA B 393 -7.08 13.67 -57.46
N ALA B 394 -6.31 13.22 -56.49
CA ALA B 394 -4.87 13.04 -56.60
C ALA B 394 -4.61 11.55 -56.41
N HIS B 395 -3.37 11.13 -56.59
CA HIS B 395 -3.12 9.71 -56.54
C HIS B 395 -3.47 9.18 -55.14
N ASP B 396 -3.06 9.89 -54.08
CA ASP B 396 -3.18 9.31 -52.76
C ASP B 396 -4.48 9.65 -52.08
N TYR B 397 -5.24 10.62 -52.59
CA TYR B 397 -6.39 11.09 -51.91
C TYR B 397 -7.32 11.85 -52.84
N THR B 398 -8.56 11.99 -52.40
CA THR B 398 -9.56 12.79 -53.08
C THR B 398 -9.94 13.96 -52.18
N LEU B 399 -10.08 15.15 -52.76
CA LEU B 399 -10.48 16.32 -52.00
C LEU B 399 -11.94 16.64 -52.40
N ARG B 400 -12.81 16.75 -51.43
CA ARG B 400 -14.22 17.15 -51.69
C ARG B 400 -14.44 18.46 -50.97
N GLU B 401 -14.79 19.46 -51.78
CA GLU B 401 -15.21 20.72 -51.27
C GLU B 401 -16.73 20.68 -50.99
N LEU B 402 -17.08 20.72 -49.72
CA LEU B 402 -18.45 20.55 -49.29
C LEU B 402 -18.91 21.89 -48.75
N LYS B 403 -20.16 22.28 -48.94
CA LYS B 403 -20.69 23.44 -48.25
C LYS B 403 -21.74 22.97 -47.24
N LEU B 404 -21.53 23.26 -45.97
CA LEU B 404 -22.42 22.85 -44.86
C LEU B 404 -23.19 24.05 -44.30
N SER B 405 -24.51 23.91 -44.19
CA SER B 405 -25.34 24.93 -43.63
C SER B 405 -26.50 24.30 -42.85
N LYS B 406 -27.18 25.10 -42.05
CA LYS B 406 -28.36 24.62 -41.35
C LYS B 406 -29.58 24.93 -42.21
N VAL B 407 -30.48 23.96 -42.33
CA VAL B 407 -31.67 24.15 -43.14
C VAL B 407 -32.46 25.32 -42.55
N GLY B 408 -32.93 26.20 -43.42
CA GLY B 408 -33.75 27.33 -43.01
C GLY B 408 -32.95 28.57 -42.64
N GLN B 409 -31.62 28.51 -42.71
CA GLN B 409 -30.76 29.61 -42.25
C GLN B 409 -29.57 29.80 -43.21
N GLY B 410 -29.77 30.65 -44.24
CA GLY B 410 -28.75 30.90 -45.30
C GLY B 410 -27.39 31.33 -44.75
N ASN B 411 -27.43 32.21 -43.74
CA ASN B 411 -26.26 32.82 -43.06
C ASN B 411 -25.37 31.81 -42.30
N THR B 412 -25.67 30.52 -42.28
CA THR B 412 -24.87 29.57 -41.46
C THR B 412 -23.85 28.82 -42.32
N GLU B 413 -23.81 29.09 -43.62
CA GLU B 413 -23.02 28.28 -44.53
C GLU B 413 -21.52 28.45 -44.23
N ARG B 414 -20.77 27.36 -44.33
CA ARG B 414 -19.28 27.40 -44.35
C ARG B 414 -18.75 26.26 -45.21
N THR B 415 -17.55 26.44 -45.76
CA THR B 415 -16.98 25.39 -46.56
C THR B 415 -16.30 24.38 -45.63
N VAL B 416 -16.51 23.11 -45.94
CA VAL B 416 -15.82 22.03 -45.21
C VAL B 416 -15.02 21.23 -46.24
N TRP B 417 -13.72 21.09 -46.02
CA TRP B 417 -12.85 20.48 -46.98
C TRP B 417 -12.57 19.05 -46.51
N GLN B 418 -12.97 18.08 -47.28
CA GLN B 418 -12.85 16.66 -46.89
C GLN B 418 -11.72 16.01 -47.69
N TYR B 419 -10.72 15.57 -46.97
CA TYR B 419 -9.56 14.94 -47.57
C TYR B 419 -9.65 13.43 -47.32
N HIS B 420 -9.84 12.65 -48.37
CA HIS B 420 -10.13 11.24 -48.23
C HIS B 420 -8.90 10.47 -48.70
N PHE B 421 -8.12 9.92 -47.77
CA PHE B 421 -6.90 9.19 -48.06
C PHE B 421 -7.27 7.80 -48.57
N ARG B 422 -6.74 7.44 -49.75
CA ARG B 422 -7.19 6.21 -50.46
C ARG B 422 -6.13 5.11 -50.50
N THR B 423 -4.87 5.37 -50.18
CA THR B 423 -3.82 4.42 -50.57
C THR B 423 -3.22 3.69 -49.36
N TRP B 424 -3.90 3.70 -48.22
CA TRP B 424 -3.40 2.98 -47.08
C TRP B 424 -3.55 1.49 -47.41
N PRO B 425 -2.53 0.69 -47.21
CA PRO B 425 -2.62 -0.68 -47.74
C PRO B 425 -3.65 -1.52 -46.97
N ASP B 426 -4.07 -2.63 -47.56
CA ASP B 426 -5.07 -3.49 -46.92
C ASP B 426 -4.51 -4.21 -45.73
N HIS B 427 -3.21 -4.50 -45.78
CA HIS B 427 -2.49 -5.11 -44.68
C HIS B 427 -1.36 -4.17 -44.25
N GLY B 428 -1.22 -3.92 -42.95
CA GLY B 428 -0.03 -3.27 -42.40
C GLY B 428 -0.08 -1.75 -42.57
N VAL B 429 1.06 -1.17 -42.87
CA VAL B 429 1.21 0.28 -42.97
C VAL B 429 1.85 0.60 -44.34
N PRO B 430 1.74 1.84 -44.84
CA PRO B 430 2.39 2.14 -46.08
C PRO B 430 3.89 1.84 -45.95
N SER B 431 4.49 1.41 -47.04
CA SER B 431 5.91 1.08 -47.09
C SER B 431 6.76 2.35 -47.21
N ASP B 432 6.17 3.44 -47.66
CA ASP B 432 6.88 4.70 -47.82
C ASP B 432 5.93 5.73 -47.21
N PRO B 433 6.42 6.57 -46.28
CA PRO B 433 5.54 7.57 -45.61
C PRO B 433 5.33 8.90 -46.37
N GLY B 434 5.96 9.03 -47.55
CA GLY B 434 5.88 10.24 -48.39
C GLY B 434 4.46 10.64 -48.75
N GLY B 435 3.59 9.67 -49.08
CA GLY B 435 2.22 10.00 -49.41
C GLY B 435 1.47 10.59 -48.22
N VAL B 436 1.56 9.91 -47.07
CA VAL B 436 0.94 10.34 -45.82
C VAL B 436 1.49 11.74 -45.45
N LEU B 437 2.78 11.96 -45.62
CA LEU B 437 3.36 13.26 -45.18
C LEU B 437 2.86 14.40 -46.08
N ASP B 438 2.87 14.18 -47.39
CA ASP B 438 2.42 15.19 -48.39
C ASP B 438 0.96 15.53 -48.16
N PHE B 439 0.20 14.49 -47.88
CA PHE B 439 -1.22 14.62 -47.54
C PHE B 439 -1.42 15.47 -46.28
N LEU B 440 -0.75 15.14 -45.18
CA LEU B 440 -0.82 15.96 -43.91
C LEU B 440 -0.32 17.39 -44.16
N GLU B 441 0.70 17.58 -44.98
CA GLU B 441 1.17 18.92 -45.31
C GLU B 441 0.05 19.74 -45.96
N GLU B 442 -0.63 19.19 -46.97
CA GLU B 442 -1.77 19.90 -47.59
C GLU B 442 -2.87 20.19 -46.56
N VAL B 443 -3.20 19.21 -45.73
CA VAL B 443 -4.26 19.36 -44.72
C VAL B 443 -3.91 20.49 -43.76
N HIS B 444 -2.67 20.50 -43.31
CA HIS B 444 -2.17 21.54 -42.43
C HIS B 444 -2.31 22.93 -43.08
N HIS B 445 -1.91 23.07 -44.34
CA HIS B 445 -1.97 24.41 -44.97
C HIS B 445 -3.43 24.87 -45.17
N LYS B 446 -4.29 23.93 -45.44
CA LYS B 446 -5.70 24.24 -45.61
C LYS B 446 -6.26 24.78 -44.30
N GLN B 447 -6.00 24.07 -43.20
CA GLN B 447 -6.51 24.44 -41.89
C GLN B 447 -5.95 25.83 -41.50
N GLU B 448 -4.68 26.05 -41.76
CA GLU B 448 -4.03 27.28 -41.34
C GLU B 448 -4.56 28.48 -42.15
N SER B 449 -5.03 28.28 -43.38
CA SER B 449 -5.58 29.32 -44.22
C SER B 449 -6.98 29.76 -43.78
N ILE B 450 -7.66 29.01 -42.91
CA ILE B 450 -9.06 29.36 -42.62
C ILE B 450 -9.13 30.02 -41.24
N MET B 451 -9.48 31.31 -41.20
CA MET B 451 -9.56 32.03 -39.93
C MET B 451 -10.60 31.37 -39.02
N ASP B 452 -10.22 31.20 -37.77
CA ASP B 452 -11.11 30.64 -36.73
C ASP B 452 -11.63 29.23 -36.96
N ALA B 453 -11.00 28.45 -37.84
CA ALA B 453 -11.46 27.06 -38.06
C ALA B 453 -11.38 26.28 -36.75
N GLY B 454 -12.30 25.33 -36.55
CA GLY B 454 -12.32 24.50 -35.36
C GLY B 454 -11.38 23.32 -35.50
N PRO B 455 -11.58 22.30 -34.67
CA PRO B 455 -10.69 21.14 -34.76
C PRO B 455 -10.85 20.40 -36.08
N VAL B 456 -9.80 19.72 -36.46
CA VAL B 456 -9.77 18.90 -37.61
C VAL B 456 -10.34 17.51 -37.24
N VAL B 457 -11.34 17.09 -37.97
CA VAL B 457 -11.99 15.80 -37.73
C VAL B 457 -11.18 14.72 -38.46
N VAL B 458 -10.83 13.64 -37.76
CA VAL B 458 -10.08 12.56 -38.31
C VAL B 458 -10.86 11.28 -37.99
N HIS B 459 -11.17 10.48 -38.99
CA HIS B 459 -12.06 9.33 -38.71
C HIS B 459 -11.93 8.24 -39.76
N CYS B 460 -12.69 7.18 -39.44
CA CYS B 460 -13.09 5.99 -40.19
C CYS B 460 -12.80 4.77 -39.31
N SER B 461 -13.28 3.60 -39.69
CA SER B 461 -13.16 2.38 -38.87
C SER B 461 -13.65 2.65 -37.43
N ALA B 462 -12.90 2.18 -36.42
CA ALA B 462 -13.23 2.42 -35.02
C ALA B 462 -12.68 3.77 -34.53
N GLY B 463 -11.85 4.39 -35.34
CA GLY B 463 -11.35 5.75 -35.03
C GLY B 463 -10.23 5.76 -34.01
N ILE B 464 -9.41 4.73 -34.01
CA ILE B 464 -8.38 4.61 -32.97
C ILE B 464 -7.02 4.21 -33.61
N GLY B 465 -7.02 3.37 -34.63
CA GLY B 465 -5.74 2.82 -35.16
C GLY B 465 -5.07 3.78 -36.14
N ARG B 466 -5.61 3.82 -37.35
CA ARG B 466 -5.10 4.76 -38.38
C ARG B 466 -5.32 6.20 -37.93
N THR B 467 -6.49 6.43 -37.33
CA THR B 467 -6.84 7.76 -36.83
C THR B 467 -5.79 8.29 -35.82
N GLY B 468 -5.38 7.45 -34.88
CA GLY B 468 -4.36 7.82 -33.90
C GLY B 468 -3.01 8.02 -34.58
N THR B 469 -2.69 7.23 -35.58
CA THR B 469 -1.40 7.30 -36.25
C THR B 469 -1.30 8.63 -37.02
N PHE B 470 -2.34 8.98 -37.76
CA PHE B 470 -2.38 10.26 -38.50
C PHE B 470 -2.25 11.45 -37.54
N ILE B 471 -3.01 11.45 -36.46
CA ILE B 471 -3.00 12.54 -35.52
C ILE B 471 -1.61 12.69 -34.90
N VAL B 472 -0.99 11.60 -34.47
CA VAL B 472 0.30 11.64 -33.81
C VAL B 472 1.40 12.15 -34.76
N ILE B 473 1.45 11.64 -35.98
CA ILE B 473 2.33 12.14 -37.00
C ILE B 473 2.09 13.64 -37.21
N ASP B 474 0.83 14.04 -37.31
CA ASP B 474 0.55 15.44 -37.48
C ASP B 474 1.06 16.32 -36.35
N ILE B 475 0.85 15.87 -35.10
CA ILE B 475 1.34 16.62 -33.91
C ILE B 475 2.86 16.77 -33.96
N LEU B 476 3.50 15.66 -34.26
CA LEU B 476 4.97 15.64 -34.24
C LEU B 476 5.52 16.50 -35.36
N ILE B 477 5.01 16.37 -36.59
CA ILE B 477 5.57 17.19 -37.67
C ILE B 477 5.26 18.68 -37.44
N ASP B 478 4.13 19.01 -36.83
CA ASP B 478 3.81 20.39 -36.46
C ASP B 478 4.89 21.02 -35.59
N ILE B 479 5.38 20.29 -34.59
CA ILE B 479 6.46 20.79 -33.72
C ILE B 479 7.70 21.09 -34.57
N ILE B 480 8.04 20.17 -35.47
CA ILE B 480 9.24 20.27 -36.29
C ILE B 480 9.10 21.40 -37.31
N ARG B 481 7.95 21.51 -37.97
CA ARG B 481 7.73 22.53 -39.03
C ARG B 481 7.90 23.94 -38.46
N GLU B 482 7.42 24.13 -37.23
CA GLU B 482 7.36 25.40 -36.54
C GLU B 482 8.69 25.69 -35.81
N LYS B 483 9.28 24.69 -35.15
CA LYS B 483 10.47 24.94 -34.31
C LYS B 483 11.75 24.38 -34.95
N GLY B 484 11.67 23.87 -36.17
CA GLY B 484 12.89 23.46 -36.89
C GLY B 484 13.53 22.20 -36.31
N VAL B 485 14.74 21.94 -36.75
CA VAL B 485 15.49 20.76 -36.31
C VAL B 485 16.19 21.05 -34.96
N ASP B 486 15.83 22.14 -34.29
CA ASP B 486 16.36 22.45 -32.96
C ASP B 486 15.21 22.34 -31.98
N CYS B 487 14.65 21.14 -31.90
CA CYS B 487 13.45 20.90 -31.10
C CYS B 487 13.46 19.46 -30.61
N ASP B 488 12.93 19.23 -29.40
CA ASP B 488 12.89 17.88 -28.83
C ASP B 488 11.55 17.25 -29.11
N ILE B 489 11.58 15.96 -29.42
CA ILE B 489 10.35 15.21 -29.57
C ILE B 489 10.48 13.90 -28.78
N ASP B 490 9.31 13.39 -28.41
CA ASP B 490 9.17 12.20 -27.56
C ASP B 490 7.93 11.43 -28.07
N VAL B 491 8.18 10.45 -28.96
CA VAL B 491 7.14 9.73 -29.67
C VAL B 491 6.23 9.04 -28.65
N PRO B 492 6.76 8.12 -27.78
CA PRO B 492 5.88 7.44 -26.79
C PRO B 492 5.14 8.37 -25.82
N LYS B 493 5.79 9.44 -25.37
CA LYS B 493 5.11 10.39 -24.48
C LYS B 493 3.93 11.05 -25.21
N THR B 494 4.10 11.32 -26.50
CA THR B 494 3.05 11.98 -27.29
C THR B 494 1.86 11.03 -27.46
N ILE B 495 2.13 9.75 -27.69
CA ILE B 495 1.12 8.77 -27.86
C ILE B 495 0.35 8.61 -26.54
N GLN B 496 1.07 8.43 -25.43
CA GLN B 496 0.43 8.31 -24.11
C GLN B 496 -0.47 9.52 -23.84
N MET B 497 -0.04 10.74 -24.19
CA MET B 497 -0.87 11.92 -23.94
C MET B 497 -2.16 11.88 -24.79
N VAL B 498 -2.10 11.38 -26.02
CA VAL B 498 -3.29 11.24 -26.92
C VAL B 498 -4.19 10.07 -26.46
N ARG B 499 -3.60 8.97 -25.98
CA ARG B 499 -4.35 7.82 -25.46
C ARG B 499 -5.11 8.13 -24.15
N SER B 500 -4.70 9.16 -23.43
CA SER B 500 -5.43 9.65 -22.30
C SER B 500 -6.69 10.41 -22.76
N GLN B 501 -6.85 10.68 -24.04
CA GLN B 501 -8.03 11.44 -24.49
C GLN B 501 -8.94 10.62 -25.41
N ARG B 502 -8.45 9.50 -25.97
CA ARG B 502 -9.32 8.47 -26.64
C ARG B 502 -8.61 7.12 -26.53
N SER B 503 -9.38 6.08 -26.24
CA SER B 503 -8.85 4.73 -25.94
C SER B 503 -8.08 4.15 -27.11
N GLY B 504 -6.85 3.72 -26.89
CA GLY B 504 -6.15 2.83 -27.80
C GLY B 504 -5.56 3.52 -29.03
N MET B 505 -5.40 4.83 -28.97
CA MET B 505 -4.88 5.57 -30.07
C MET B 505 -3.50 5.06 -30.44
N VAL B 506 -3.33 4.62 -31.70
CA VAL B 506 -2.19 3.88 -32.19
C VAL B 506 -2.30 2.45 -31.65
N GLN B 507 -2.62 1.50 -32.53
CA GLN B 507 -2.99 0.14 -32.18
C GLN B 507 -1.78 -0.81 -32.17
N THR B 508 -0.85 -0.66 -33.12
CA THR B 508 0.09 -1.72 -33.40
C THR B 508 1.54 -1.23 -33.45
N GLU B 509 2.43 -2.18 -33.31
CA GLU B 509 3.84 -1.93 -33.37
C GLU B 509 4.23 -1.47 -34.78
N ALA B 510 3.55 -1.97 -35.81
CA ALA B 510 3.84 -1.53 -37.18
C ALA B 510 3.52 -0.03 -37.34
N GLN B 511 2.42 0.45 -36.75
CA GLN B 511 2.01 1.88 -36.77
C GLN B 511 2.99 2.69 -35.92
N TYR B 512 3.42 2.16 -34.77
CA TYR B 512 4.44 2.83 -33.92
C TYR B 512 5.74 3.08 -34.73
N ARG B 513 6.24 2.06 -35.42
CA ARG B 513 7.44 2.17 -36.28
C ARG B 513 7.21 3.13 -37.45
N PHE B 514 6.03 3.13 -38.05
CA PHE B 514 5.65 4.03 -39.13
C PHE B 514 5.74 5.50 -38.66
N ILE B 515 5.35 5.77 -37.43
CA ILE B 515 5.38 7.17 -36.92
C ILE B 515 6.85 7.66 -36.89
N TYR B 516 7.73 6.81 -36.40
CA TYR B 516 9.19 7.12 -36.37
C TYR B 516 9.70 7.35 -37.79
N MET B 517 9.29 6.49 -38.73
CA MET B 517 9.76 6.50 -40.12
C MET B 517 9.22 7.74 -40.83
N ALA B 518 8.02 8.16 -40.47
CA ALA B 518 7.41 9.37 -41.03
C ALA B 518 8.17 10.63 -40.55
N VAL B 519 8.49 10.66 -39.25
CA VAL B 519 9.20 11.80 -38.67
C VAL B 519 10.60 11.87 -39.30
N GLN B 520 11.23 10.73 -39.52
CA GLN B 520 12.57 10.65 -40.12
C GLN B 520 12.56 11.13 -41.57
N HIS B 521 11.55 10.69 -42.33
CA HIS B 521 11.36 11.06 -43.71
C HIS B 521 11.09 12.56 -43.83
N TYR B 522 10.34 13.11 -42.89
CA TYR B 522 10.00 14.52 -42.91
C TYR B 522 11.30 15.35 -42.71
N ILE B 523 12.10 14.97 -41.71
CA ILE B 523 13.35 15.69 -41.41
C ILE B 523 14.23 15.66 -42.67
N GLU B 524 14.36 14.46 -43.25
CA GLU B 524 15.21 14.21 -44.41
C GLU B 524 14.81 15.08 -45.61
N THR B 525 13.52 15.23 -45.89
CA THR B 525 13.08 15.98 -47.06
C THR B 525 13.32 17.49 -46.85
N LEU B 526 13.18 17.96 -45.63
CA LEU B 526 13.51 19.35 -45.30
C LEU B 526 15.00 19.61 -45.53
N GLN B 527 15.85 18.68 -45.13
CA GLN B 527 17.32 18.83 -45.25
C GLN B 527 17.76 18.65 -46.70
N ARG B 528 17.04 17.87 -47.49
CA ARG B 528 17.28 17.83 -48.94
C ARG B 528 17.00 19.21 -49.55
N ARG B 529 16.02 19.91 -48.99
CA ARG B 529 15.68 21.26 -49.45
C ARG B 529 16.82 22.22 -49.10
N LEU B 530 17.49 22.05 -47.95
CA LEU B 530 18.65 22.89 -47.59
C LEU B 530 19.71 22.80 -48.69
N GLU B 531 20.02 21.59 -49.13
CA GLU B 531 21.17 21.39 -50.03
C GLU B 531 20.89 22.04 -51.40
N HIS B 532 19.61 22.27 -51.69
CA HIS B 532 19.20 23.07 -52.85
C HIS B 532 19.94 24.41 -52.84
N HIS B 533 19.82 25.16 -51.74
CA HIS B 533 20.53 26.43 -51.58
C HIS B 533 21.99 26.16 -51.21
C2 A1H4R C . -8.25 -14.33 19.16
C3 A1H4R C . -9.52 -13.53 19.00
C5 A1H4R C . -9.40 -11.83 20.85
C6 A1H4R C . -9.85 -10.55 20.54
C8 A1H4R C . -8.18 -9.58 21.80
C10 A1H4R C . -6.41 -9.28 23.14
C12 A1H4R C . -7.69 -10.81 22.16
C13 A1H4R C . -8.29 -11.96 21.69
C14 A1H4R C . -7.50 -7.14 22.34
C15 A1H4R C . -8.72 -6.56 22.73
C16 A1H4R C . -8.90 -5.19 22.68
N1 A1H4R C . -7.48 -14.41 17.89
C4 A1H4R C . -10.11 -13.05 20.31
N7 A1H4R C . -9.27 -9.42 20.99
C9 A1H4R C . -7.38 -8.61 22.42
N11 A1H4R C . -6.61 -10.61 22.98
C17 A1H4R C . -7.89 -4.38 22.24
C18 A1H4R C . -6.68 -4.93 21.85
CL19 A1H4R C . -5.40 -3.89 21.30
C20 A1H4R C . -6.48 -6.31 21.90
CL21 A1H4R C . -4.97 -6.96 21.41
H26 A1H4R C . -7.68 -13.91 19.85
H27 A1H4R C . -8.47 -15.25 19.45
H28 A1H4R C . -10.20 -14.09 18.54
H29 A1H4R C . -9.35 -12.76 18.43
H32 A1H4R C . -10.61 -10.47 19.96
H33 A1H4R C . -5.72 -8.89 23.66
H34 A1H4R C . -7.96 -12.82 21.93
H35 A1H4R C . -9.43 -7.12 23.04
H36 A1H4R C . -9.74 -4.81 22.95
H24 A1H4R C . -6.74 -13.88 17.94
H22 A1H4R C . -8.00 -14.11 17.20
H31 A1H4R C . -11.06 -12.84 20.18
H30 A1H4R C . -10.05 -13.78 20.98
H25 A1H4R C . -6.12 -11.25 23.33
H37 A1H4R C . -8.01 -3.44 22.20
H23 A1H4R C . -7.22 -15.27 17.72
C2 A1H4R D . 12.57 0.14 -21.35
C3 A1H4R D . 13.21 1.46 -20.97
C5 A1H4R D . 11.92 3.18 -22.27
C6 A1H4R D . 11.58 4.28 -21.50
C8 A1H4R D . 9.54 4.52 -22.54
C10 A1H4R D . 7.81 4.21 -23.90
C12 A1H4R D . 9.81 3.44 -23.35
C13 A1H4R D . 11.00 2.75 -23.24
C14 A1H4R D . 7.52 6.15 -22.32
C15 A1H4R D . 8.07 7.43 -22.44
C16 A1H4R D . 7.40 8.53 -21.94
N1 A1H4R D . 12.44 -0.77 -20.18
C4 A1H4R D . 13.24 2.47 -22.10
N7 A1H4R D . 10.43 4.96 -21.60
C9 A1H4R D . 8.29 5.00 -22.88
N11 A1H4R D . 8.74 3.26 -24.17
C17 A1H4R D . 6.19 8.37 -21.31
C18 A1H4R D . 5.63 7.10 -21.19
CL19 A1H4R D . 4.10 6.93 -20.40
C20 A1H4R D . 6.30 6.00 -21.69
CL21 A1H4R D . 5.58 4.44 -21.52
H26 A1H4R D . 11.68 0.30 -21.73
H27 A1H4R D . 13.12 -0.31 -22.04
H28 A1H4R D . 14.14 1.29 -20.67
H29 A1H4R D . 12.72 1.85 -20.20
H32 A1H4R D . 12.21 4.56 -20.83
H33 A1H4R D . 6.98 4.29 -24.34
H34 A1H4R D . 11.19 2.00 -23.79
H35 A1H4R D . 8.91 7.55 -22.87
H36 A1H4R D . 7.78 9.40 -22.03
H24 A1H4R D . 12.86 -1.57 -20.34
H22 A1H4R D . 12.83 -0.39 -19.44
H31 A1H4R D . 13.94 3.14 -21.92
H30 A1H4R D . 13.46 2.01 -22.94
H25 A1H4R D . 8.67 2.63 -24.78
H37 A1H4R D . 5.73 9.12 -20.96
H23 A1H4R D . 11.56 -0.93 -20.00
#